data_3VLB
#
_entry.id   3VLB
#
_cell.length_a   249.043
_cell.length_b   51.691
_cell.length_c   143.235
_cell.angle_alpha   90.00
_cell.angle_beta   122.21
_cell.angle_gamma   90.00
#
_symmetry.space_group_name_H-M   'C 1 2 1'
#
loop_
_entity.id
_entity.type
_entity.pdbx_description
1 polymer EDGP
2 polymer 'Xyloglucan-specific endo-beta-1,4-glucanase A'
3 water water
#
loop_
_entity_poly.entity_id
_entity_poly.type
_entity_poly.pdbx_seq_one_letter_code
_entity_poly.pdbx_strand_id
1 'polypeptide(L)'
;QPSFRPSALVVPVKKDASTLQYVTTINQRTPLVSENLVVDLGGRFLWVDCDQNYVSSTYRPVRCRTSQCSLSGSIACGDC
FNGPRPGCNNNTCGVFPENPVINTATGGEVAEDVVSVESTDGSSSGRVVTVPRFIFSCAPTSLLQNLASGVVGMAGLGRT
RIALPSQFASAFSFKRKFAMCLSGSTSSNSVIIFGNDPYTFLPNIIVSDKTLTYTPLLTNPVSTSATSTQGEPSVEYFIG
VKSIKINSKIVALNTSLLSISSAGLGGTKISTINPYTVLETSIYKAVTEAFIKESAARNITRVASVAPFGACFSTDNILS
TRLGPSVPSIDLVLQSESVVWTITGSNSMVYINDNVVCLGVVDGGSNLRTSIVIGGHQLEDNLVQFDLATSRVGFSGTLL
GSRTTCANFNFTS
;
A,C
2 'polypeptide(L)'
;GPLGSDFCGQWDTATAGDFTLYNDLWGESAGTGSQCTGVDSYSGDTIAWHTSWSWSGGSSSVKSYVNAALTFTPTQLNCI
SSIPTTWKWSYSGSSIVADVAYDTFLAETASGSSKYEIMVWLAALGGAGPISSTGSTIATPTIAGVNWKLYSGPNGDTTV
YSFVADSTTESFSGDLNDFFTYLVDNEGVSDELYLTTLEAGTEPFTGSNAKLTVSEYSISIE
;
B,D
#
# COMPACT_ATOMS: atom_id res chain seq x y z
N ARG A 5 -17.69 26.30 52.06
CA ARG A 5 -16.52 27.10 51.59
C ARG A 5 -15.83 26.41 50.44
N PRO A 6 -15.74 27.08 49.27
CA PRO A 6 -15.00 26.54 48.14
C PRO A 6 -13.53 26.93 48.19
N SER A 7 -12.69 26.00 47.76
CA SER A 7 -11.27 26.19 47.65
C SER A 7 -10.92 27.02 46.42
N ALA A 8 -11.68 26.83 45.35
CA ALA A 8 -11.43 27.53 44.10
C ALA A 8 -12.70 27.69 43.27
N LEU A 9 -12.52 28.31 42.12
CA LEU A 9 -13.60 28.60 41.19
C LEU A 9 -13.18 28.40 39.72
N VAL A 10 -14.12 28.08 38.85
CA VAL A 10 -13.82 27.84 37.44
C VAL A 10 -14.84 28.48 36.46
N VAL A 11 -14.39 29.40 35.62
CA VAL A 11 -15.27 29.87 34.54
C VAL A 11 -14.80 29.41 33.17
N PRO A 12 -15.75 29.20 32.27
CA PRO A 12 -15.42 28.83 30.93
C PRO A 12 -14.95 30.03 30.16
N VAL A 13 -14.12 29.80 29.17
CA VAL A 13 -13.70 30.82 28.23
C VAL A 13 -13.78 30.17 26.89
N LYS A 14 -13.94 30.96 25.84
CA LYS A 14 -13.99 30.44 24.46
C LYS A 14 -13.66 31.56 23.51
N LYS A 15 -13.04 31.21 22.39
CA LYS A 15 -12.53 32.19 21.44
C LYS A 15 -13.58 32.55 20.46
N ASP A 16 -13.86 33.83 20.34
CA ASP A 16 -14.81 34.31 19.34
C ASP A 16 -14.03 34.37 18.03
N ALA A 17 -14.64 33.94 16.93
CA ALA A 17 -13.92 33.77 15.65
C ALA A 17 -13.72 35.09 14.87
N SER A 18 -14.74 35.93 14.79
CA SER A 18 -14.60 37.27 14.15
C SER A 18 -13.41 38.12 14.69
N THR A 19 -13.34 38.26 16.02
CA THR A 19 -12.49 39.26 16.67
C THR A 19 -11.19 38.69 17.21
N LEU A 20 -11.19 37.39 17.48
CA LEU A 20 -10.09 36.73 18.16
C LEU A 20 -9.98 37.11 19.68
N GLN A 21 -11.06 37.61 20.25
CA GLN A 21 -11.13 37.88 21.68
C GLN A 21 -11.59 36.61 22.44
N TYR A 22 -11.15 36.54 23.70
CA TYR A 22 -11.43 35.42 24.59
C TYR A 22 -12.66 35.85 25.32
N VAL A 23 -13.69 34.98 25.32
CA VAL A 23 -14.97 35.29 25.92
C VAL A 23 -15.31 34.30 27.03
N THR A 24 -15.68 34.84 28.20
CA THR A 24 -16.04 34.07 29.36
C THR A 24 -17.51 34.21 29.72
N THR A 25 -17.98 33.41 30.70
CA THR A 25 -19.40 33.41 31.15
C THR A 25 -19.56 33.34 32.70
N ILE A 26 -20.09 34.41 33.31
CA ILE A 26 -20.54 34.34 34.70
C ILE A 26 -22.09 34.48 34.80
N ASN A 27 -22.63 34.16 35.98
CA ASN A 27 -24.04 34.40 36.30
C ASN A 27 -24.19 35.64 37.18
N GLN A 28 -25.15 36.49 36.84
CA GLN A 28 -25.38 37.76 37.52
C GLN A 28 -26.89 38.05 37.61
N ARG A 29 -27.29 38.84 38.60
CA ARG A 29 -28.69 39.33 38.69
C ARG A 29 -29.63 38.38 39.36
N THR A 30 -30.69 38.91 39.96
CA THR A 30 -31.78 38.08 40.44
C THR A 30 -33.01 38.49 39.63
N PRO A 31 -33.69 37.54 38.97
CA PRO A 31 -33.27 36.17 38.65
C PRO A 31 -31.99 36.08 37.82
N LEU A 32 -31.21 35.03 38.05
CA LEU A 32 -29.91 34.86 37.41
C LEU A 32 -30.01 34.82 35.90
N VAL A 33 -29.12 35.54 35.25
CA VAL A 33 -28.94 35.46 33.80
C VAL A 33 -27.46 35.13 33.53
N SER A 34 -27.23 34.49 32.39
CA SER A 34 -25.90 34.14 31.97
C SER A 34 -25.41 35.33 31.15
N GLU A 35 -24.24 35.82 31.51
CA GLU A 35 -23.61 36.96 30.87
C GLU A 35 -22.30 36.57 30.22
N ASN A 36 -22.23 36.74 28.89
CA ASN A 36 -20.93 36.63 28.19
C ASN A 36 -20.09 37.89 28.35
N LEU A 37 -18.80 37.73 28.61
CA LEU A 37 -17.97 38.89 28.94
C LEU A 37 -16.65 38.66 28.29
N VAL A 38 -16.09 39.70 27.70
CA VAL A 38 -14.74 39.66 27.13
C VAL A 38 -13.74 39.70 28.24
N VAL A 39 -12.74 38.83 28.13
CA VAL A 39 -11.71 38.73 29.15
C VAL A 39 -10.62 39.76 28.88
N ASP A 40 -10.43 40.68 29.84
CA ASP A 40 -9.32 41.67 29.80
C ASP A 40 -8.44 41.44 31.04
N LEU A 41 -7.36 40.72 30.85
CA LEU A 41 -6.53 40.28 31.94
C LEU A 41 -6.12 41.49 32.73
N GLY A 42 -5.77 42.56 32.06
CA GLY A 42 -5.35 43.77 32.77
C GLY A 42 -6.44 44.63 33.40
N GLY A 43 -7.71 44.32 33.11
CA GLY A 43 -8.79 45.22 33.45
C GLY A 43 -8.94 45.48 34.95
N ARG A 44 -9.52 46.62 35.29
CA ARG A 44 -9.56 47.05 36.70
C ARG A 44 -10.85 46.59 37.40
N PHE A 45 -11.85 46.17 36.66
CA PHE A 45 -13.09 45.66 37.26
C PHE A 45 -14.02 44.98 36.27
N LEU A 46 -15.01 44.29 36.81
CA LEU A 46 -16.12 43.81 36.02
C LEU A 46 -17.02 45.02 35.72
N TRP A 47 -17.27 45.24 34.44
CA TRP A 47 -18.22 46.29 34.06
C TRP A 47 -19.18 45.75 33.04
N VAL A 48 -20.46 45.98 33.26
CA VAL A 48 -21.51 45.35 32.49
C VAL A 48 -22.41 46.44 31.97
N ASP A 49 -23.04 46.22 30.82
CA ASP A 49 -23.91 47.22 30.19
C ASP A 49 -25.18 47.28 31.03
N CYS A 50 -25.52 48.47 31.51
CA CYS A 50 -26.61 48.64 32.46
C CYS A 50 -27.83 49.30 31.85
N ASP A 51 -28.10 49.08 30.57
CA ASP A 51 -29.25 49.73 29.92
C ASP A 51 -30.59 49.15 30.42
N GLN A 52 -31.69 49.48 29.73
CA GLN A 52 -33.04 49.04 30.11
C GLN A 52 -33.30 47.51 30.07
N ASN A 53 -32.42 46.74 29.43
CA ASN A 53 -32.49 45.28 29.50
C ASN A 53 -31.75 44.67 30.71
N TYR A 54 -31.18 45.50 31.58
CA TYR A 54 -30.63 45.02 32.86
C TYR A 54 -31.76 45.09 33.89
N VAL A 55 -32.42 43.95 34.09
CA VAL A 55 -33.50 43.79 35.03
C VAL A 55 -33.00 42.87 36.15
N SER A 56 -32.92 43.41 37.36
CA SER A 56 -32.58 42.62 38.53
C SER A 56 -33.20 43.21 39.81
N SER A 57 -33.57 42.32 40.73
CA SER A 57 -34.18 42.72 41.98
C SER A 57 -33.13 42.83 43.10
N THR A 58 -31.90 42.41 42.81
CA THR A 58 -30.80 42.46 43.78
C THR A 58 -29.69 43.48 43.43
N TYR A 59 -29.96 44.33 42.44
CA TYR A 59 -29.06 45.43 42.07
C TYR A 59 -29.08 46.50 43.14
N ARG A 60 -27.93 47.11 43.42
CA ARG A 60 -27.86 48.20 44.41
C ARG A 60 -26.86 49.23 43.89
N PRO A 61 -27.22 50.53 43.89
CA PRO A 61 -26.21 51.52 43.61
C PRO A 61 -25.25 51.60 44.77
N VAL A 62 -23.97 51.75 44.48
CA VAL A 62 -22.98 52.04 45.51
C VAL A 62 -22.92 53.55 45.66
N ARG A 63 -23.06 53.98 46.92
CA ARG A 63 -23.12 55.39 47.30
C ARG A 63 -21.72 55.86 47.47
N CYS A 64 -21.50 57.15 47.29
CA CYS A 64 -20.19 57.69 47.53
C CYS A 64 -19.96 57.90 49.03
N ARG A 65 -18.70 57.93 49.45
CA ARG A 65 -18.37 57.89 50.88
C ARG A 65 -19.02 56.64 51.50
N THR A 66 -18.70 55.51 50.93
CA THR A 66 -18.95 54.24 51.56
C THR A 66 -17.72 53.36 51.37
N SER A 67 -17.64 52.33 52.19
CA SER A 67 -16.50 51.43 52.22
C SER A 67 -16.27 50.86 50.82
N GLN A 68 -17.36 50.57 50.14
CA GLN A 68 -17.28 49.88 48.86
C GLN A 68 -16.95 50.84 47.74
N CYS A 69 -17.00 52.15 48.04
CA CYS A 69 -16.72 53.11 47.01
C CYS A 69 -15.22 53.47 47.02
N SER A 70 -14.62 53.48 48.21
CA SER A 70 -13.17 53.56 48.34
C SER A 70 -12.50 52.36 47.66
N LEU A 71 -12.95 51.14 47.94
CA LEU A 71 -12.36 49.92 47.35
C LEU A 71 -12.32 49.97 45.82
N SER A 72 -13.33 50.56 45.21
CA SER A 72 -13.46 50.55 43.78
C SER A 72 -12.33 51.26 43.06
N GLY A 73 -11.74 52.24 43.76
CA GLY A 73 -10.73 53.11 43.15
C GLY A 73 -11.32 54.41 42.62
N SER A 74 -12.46 54.80 43.19
CA SER A 74 -13.23 55.91 42.68
C SER A 74 -12.68 57.17 43.21
N ILE A 75 -12.28 58.05 42.31
CA ILE A 75 -11.46 59.20 42.68
C ILE A 75 -12.37 60.38 42.91
N ALA A 76 -13.58 60.28 42.36
CA ALA A 76 -14.51 61.37 42.43
C ALA A 76 -15.81 60.91 43.04
N CYS A 77 -16.84 61.73 42.89
CA CYS A 77 -18.06 61.59 43.61
C CYS A 77 -19.12 62.46 42.89
N GLY A 78 -20.31 61.93 42.74
CA GLY A 78 -21.44 62.73 42.28
C GLY A 78 -21.61 62.81 40.79
N ASP A 79 -22.82 63.09 40.35
CA ASP A 79 -23.19 62.96 38.95
C ASP A 79 -24.11 64.07 38.49
N CYS A 80 -23.93 64.55 37.27
CA CYS A 80 -24.84 65.51 36.65
C CYS A 80 -25.46 64.85 35.40
N PHE A 81 -26.74 64.53 35.48
CA PHE A 81 -27.49 64.02 34.33
C PHE A 81 -27.79 65.24 33.47
N ASN A 82 -28.84 65.19 32.62
CA ASN A 82 -29.18 66.34 31.76
C ASN A 82 -30.70 66.55 31.44
N GLY A 83 -31.02 67.68 30.81
CA GLY A 83 -32.41 68.13 30.60
C GLY A 83 -32.70 68.46 29.14
N GLY A 87 -29.45 69.52 35.90
CA GLY A 87 -29.44 69.05 37.28
C GLY A 87 -28.38 67.99 37.60
N CYS A 88 -28.07 67.82 38.88
CA CYS A 88 -26.99 66.95 39.35
C CYS A 88 -27.35 66.15 40.59
N ASN A 89 -26.50 65.16 40.85
CA ASN A 89 -26.59 64.22 41.96
C ASN A 89 -25.35 64.35 42.82
N ASN A 90 -25.58 64.45 44.12
CA ASN A 90 -24.51 64.53 45.10
C ASN A 90 -23.93 63.14 45.24
N ASN A 91 -22.64 63.00 45.04
CA ASN A 91 -21.96 61.72 45.32
C ASN A 91 -22.67 60.42 44.71
N THR A 92 -22.07 59.90 43.63
CA THR A 92 -22.62 58.81 42.87
C THR A 92 -21.52 57.82 42.48
N CYS A 93 -20.39 57.83 43.18
CA CYS A 93 -19.28 56.85 42.96
C CYS A 93 -18.87 56.50 41.52
N GLY A 94 -18.58 57.54 40.75
CA GLY A 94 -18.19 57.40 39.34
C GLY A 94 -16.80 56.84 39.14
N VAL A 95 -16.68 56.04 38.09
CA VAL A 95 -15.41 55.41 37.68
C VAL A 95 -15.38 55.47 36.15
N PHE A 96 -14.41 54.81 35.53
CA PHE A 96 -14.17 54.97 34.10
C PHE A 96 -13.93 53.65 33.44
N PRO A 97 -14.98 52.87 33.24
CA PRO A 97 -14.81 51.60 32.53
C PRO A 97 -14.18 51.76 31.11
N GLU A 98 -13.24 50.86 30.80
CA GLU A 98 -12.42 50.99 29.59
C GLU A 98 -12.68 49.83 28.61
N ASN A 99 -12.96 50.18 27.36
CA ASN A 99 -12.83 49.25 26.25
C ASN A 99 -11.45 49.40 25.61
N PRO A 100 -10.53 48.45 25.88
CA PRO A 100 -9.15 48.57 25.38
C PRO A 100 -9.01 48.20 23.89
N VAL A 101 -10.01 47.50 23.34
CA VAL A 101 -9.99 47.16 21.92
C VAL A 101 -10.13 48.45 21.10
N ILE A 102 -10.81 49.45 21.66
CA ILE A 102 -11.07 50.71 20.96
C ILE A 102 -10.52 51.91 21.75
N ASN A 103 -9.55 51.66 22.65
CA ASN A 103 -8.81 52.72 23.34
C ASN A 103 -9.64 53.79 24.03
N THR A 104 -10.86 53.46 24.43
CA THR A 104 -11.82 54.44 24.90
C THR A 104 -12.16 54.24 26.37
N ALA A 105 -12.55 55.34 27.03
CA ALA A 105 -13.20 55.28 28.34
C ALA A 105 -14.44 56.20 28.49
N THR A 106 -15.57 55.56 28.75
CA THR A 106 -16.79 56.25 29.20
C THR A 106 -16.85 56.30 30.74
N GLY A 107 -17.75 57.09 31.30
CA GLY A 107 -17.84 57.18 32.75
C GLY A 107 -18.75 56.13 33.27
N GLY A 108 -18.62 55.77 34.53
CA GLY A 108 -19.33 54.58 35.04
C GLY A 108 -19.63 54.69 36.51
N GLU A 109 -20.65 53.98 36.96
CA GLU A 109 -21.21 54.12 38.27
C GLU A 109 -21.05 52.80 38.98
N VAL A 110 -20.44 52.77 40.17
CA VAL A 110 -20.22 51.47 40.84
C VAL A 110 -21.54 50.94 41.39
N ALA A 111 -21.68 49.61 41.42
CA ALA A 111 -22.89 48.97 41.84
C ALA A 111 -22.56 47.56 42.33
N GLU A 112 -23.53 46.97 43.03
CA GLU A 112 -23.45 45.62 43.52
C GLU A 112 -24.61 44.85 42.97
N ASP A 113 -24.38 43.59 42.63
CA ASP A 113 -25.45 42.65 42.27
C ASP A 113 -24.95 41.22 42.50
N VAL A 114 -25.83 40.25 42.42
CA VAL A 114 -25.45 38.89 42.76
C VAL A 114 -24.59 38.31 41.62
N VAL A 115 -23.44 37.71 41.94
CA VAL A 115 -22.70 36.93 40.92
C VAL A 115 -22.55 35.48 41.37
N SER A 116 -22.79 34.55 40.44
CA SER A 116 -22.73 33.12 40.76
C SER A 116 -21.89 32.38 39.72
N VAL A 117 -20.93 31.60 40.18
CA VAL A 117 -20.14 30.71 39.31
C VAL A 117 -19.98 29.31 39.89
N GLU A 118 -19.26 28.45 39.20
CA GLU A 118 -18.99 27.14 39.67
C GLU A 118 -17.74 27.08 40.54
N SER A 119 -17.85 26.39 41.68
CA SER A 119 -16.67 26.02 42.46
C SER A 119 -15.83 24.88 41.80
N THR A 120 -14.57 24.75 42.22
CA THR A 120 -13.74 23.61 41.78
C THR A 120 -12.88 23.07 42.90
N ASP A 121 -12.65 21.75 42.82
CA ASP A 121 -11.54 21.08 43.51
C ASP A 121 -10.25 21.03 42.62
N GLY A 122 -10.29 21.72 41.48
CA GLY A 122 -9.20 21.77 40.54
C GLY A 122 -9.19 20.68 39.46
N SER A 123 -10.08 19.69 39.60
CA SER A 123 -10.22 18.63 38.58
C SER A 123 -11.58 18.58 37.88
N SER A 124 -12.66 19.02 38.48
CA SER A 124 -13.94 19.04 37.78
C SER A 124 -14.83 20.21 38.25
N SER A 125 -16.01 20.38 37.65
CA SER A 125 -16.99 21.43 38.03
C SER A 125 -17.70 21.10 39.33
N GLY A 126 -17.50 21.95 40.32
CA GLY A 126 -18.18 21.82 41.60
C GLY A 126 -19.55 22.50 41.66
N ARG A 127 -20.18 22.35 42.83
CA ARG A 127 -21.43 23.07 43.16
C ARG A 127 -21.29 24.58 42.98
N VAL A 128 -22.36 25.20 42.50
CA VAL A 128 -22.49 26.64 42.33
C VAL A 128 -22.34 27.37 43.65
N VAL A 129 -21.58 28.47 43.62
CA VAL A 129 -21.43 29.37 44.77
C VAL A 129 -21.64 30.81 44.33
N THR A 130 -21.83 31.70 45.30
CA THR A 130 -22.43 33.01 45.07
C THR A 130 -21.78 34.15 45.88
N VAL A 131 -21.64 35.31 45.25
CA VAL A 131 -21.22 36.55 45.91
C VAL A 131 -22.46 37.43 45.85
N PRO A 132 -23.20 37.52 46.97
CA PRO A 132 -24.46 38.29 46.95
C PRO A 132 -24.31 39.75 46.54
N ARG A 133 -23.26 40.44 46.96
CA ARG A 133 -23.08 41.85 46.63
C ARG A 133 -21.78 42.11 45.85
N PHE A 134 -21.59 41.46 44.70
CA PHE A 134 -20.30 41.58 43.98
C PHE A 134 -20.15 42.98 43.39
N ILE A 135 -19.04 43.64 43.66
CA ILE A 135 -18.87 45.04 43.23
C ILE A 135 -18.37 45.13 41.76
N PHE A 136 -19.10 45.92 40.96
CA PHE A 136 -18.78 46.05 39.51
C PHE A 136 -19.23 47.40 38.95
N SER A 137 -18.99 47.66 37.66
CA SER A 137 -19.33 48.98 37.10
C SER A 137 -20.32 48.93 36.01
N CYS A 138 -21.31 49.80 36.08
CA CYS A 138 -22.21 50.03 34.94
C CYS A 138 -21.55 50.77 33.79
N ALA A 139 -22.15 50.68 32.61
CA ALA A 139 -21.56 51.29 31.43
C ALA A 139 -22.62 51.40 30.34
N PRO A 140 -22.45 52.31 29.37
CA PRO A 140 -23.35 52.46 28.23
C PRO A 140 -23.08 51.48 27.11
N THR A 141 -24.10 51.20 26.31
CA THR A 141 -24.00 50.23 25.26
C THR A 141 -22.85 50.51 24.31
N SER A 142 -22.57 51.81 24.13
CA SER A 142 -21.48 52.27 23.25
C SER A 142 -20.06 51.72 23.61
N LEU A 143 -19.83 51.35 24.86
CA LEU A 143 -18.52 50.81 25.27
C LEU A 143 -18.39 49.35 24.86
N LEU A 144 -19.40 48.81 24.20
CA LEU A 144 -19.33 47.45 23.67
C LEU A 144 -18.84 47.43 22.22
N GLN A 145 -18.62 48.60 21.64
CA GLN A 145 -18.03 48.74 20.30
C GLN A 145 -17.00 47.67 20.02
N ASN A 146 -17.05 47.13 18.81
CA ASN A 146 -16.05 46.17 18.39
C ASN A 146 -15.74 45.06 19.40
N LEU A 147 -16.73 44.63 20.20
CA LEU A 147 -16.58 43.43 21.06
C LEU A 147 -17.40 42.23 20.51
N ALA A 148 -16.93 41.04 20.84
CA ALA A 148 -17.53 39.80 20.34
C ALA A 148 -19.05 39.83 20.43
N SER A 149 -19.72 39.26 19.43
CA SER A 149 -21.18 39.26 19.45
C SER A 149 -21.72 38.50 20.62
N GLY A 150 -22.81 38.99 21.23
CA GLY A 150 -23.48 38.33 22.37
C GLY A 150 -23.06 38.81 23.75
N VAL A 151 -21.90 39.52 23.83
CA VAL A 151 -21.34 39.92 25.13
C VAL A 151 -21.97 41.21 25.63
N VAL A 152 -21.89 41.37 26.96
CA VAL A 152 -22.57 42.43 27.67
C VAL A 152 -21.62 43.27 28.49
N GLY A 153 -20.35 42.88 28.50
CA GLY A 153 -19.33 43.62 29.25
C GLY A 153 -17.95 42.99 29.19
N MET A 154 -17.15 43.27 30.22
CA MET A 154 -15.74 42.88 30.25
C MET A 154 -15.32 42.39 31.64
N ALA A 155 -14.70 41.22 31.65
CA ALA A 155 -14.18 40.60 32.87
C ALA A 155 -12.78 41.13 33.12
N GLY A 156 -12.63 42.07 34.04
CA GLY A 156 -11.32 42.52 34.51
C GLY A 156 -10.65 41.57 35.51
N LEU A 157 -9.40 41.17 35.17
CA LEU A 157 -8.57 40.31 36.03
C LEU A 157 -7.32 41.01 36.60
N GLY A 158 -7.26 42.33 36.39
CA GLY A 158 -6.15 43.15 36.83
C GLY A 158 -5.98 43.12 38.33
N ARG A 159 -5.03 43.90 38.81
CA ARG A 159 -4.56 43.86 40.22
C ARG A 159 -5.26 44.89 41.13
N THR A 160 -6.58 44.81 41.22
CA THR A 160 -7.35 45.67 42.10
C THR A 160 -8.12 44.87 43.14
N ARG A 161 -8.67 45.58 44.11
CA ARG A 161 -9.50 44.95 45.11
C ARG A 161 -10.79 44.36 44.52
N ILE A 162 -11.44 45.08 43.61
CA ILE A 162 -12.74 44.65 43.13
C ILE A 162 -12.75 43.90 41.79
N ALA A 163 -11.59 43.51 41.27
CA ALA A 163 -11.52 42.74 40.00
C ALA A 163 -11.59 41.29 40.34
N LEU A 164 -12.14 40.53 39.45
CA LEU A 164 -12.60 39.17 39.79
C LEU A 164 -11.67 38.43 40.77
N PRO A 165 -10.36 38.39 40.51
CA PRO A 165 -9.52 37.42 41.22
C PRO A 165 -9.27 37.75 42.67
N SER A 166 -9.02 39.01 42.94
CA SER A 166 -8.90 39.48 44.30
C SER A 166 -10.25 39.68 44.98
N GLN A 167 -11.30 39.98 44.22
CA GLN A 167 -12.63 40.14 44.83
C GLN A 167 -13.25 38.80 45.19
N PHE A 168 -13.07 37.78 44.33
CA PHE A 168 -13.42 36.40 44.73
C PHE A 168 -12.53 35.91 45.87
N ALA A 169 -11.24 36.20 45.75
CA ALA A 169 -10.27 35.81 46.75
C ALA A 169 -10.73 36.33 48.07
N SER A 170 -11.11 37.60 48.07
CA SER A 170 -11.62 38.25 49.25
C SER A 170 -12.98 37.67 49.69
N ALA A 171 -13.88 37.47 48.74
CA ALA A 171 -15.25 37.02 49.08
C ALA A 171 -15.24 35.67 49.74
N PHE A 172 -14.45 34.75 49.18
CA PHE A 172 -14.51 33.35 49.56
C PHE A 172 -13.38 32.95 50.49
N SER A 173 -12.46 33.88 50.72
CA SER A 173 -11.35 33.62 51.65
C SER A 173 -10.45 32.49 51.14
N PHE A 174 -9.88 32.70 49.97
CA PHE A 174 -8.80 31.85 49.50
C PHE A 174 -7.64 32.70 48.93
N LYS A 175 -6.56 32.04 48.56
CA LYS A 175 -5.35 32.73 48.16
C LYS A 175 -5.64 33.66 46.96
N ARG A 176 -5.07 34.86 47.05
CA ARG A 176 -5.23 35.88 46.01
C ARG A 176 -4.50 35.48 44.73
N LYS A 177 -5.01 34.47 44.05
CA LYS A 177 -4.39 34.01 42.80
C LYS A 177 -5.35 33.31 41.88
N PHE A 178 -5.04 33.36 40.59
CA PHE A 178 -5.86 32.66 39.55
C PHE A 178 -4.96 32.13 38.45
N ALA A 179 -5.26 30.94 37.99
CA ALA A 179 -4.59 30.45 36.80
C ALA A 179 -5.60 30.69 35.73
N MET A 180 -5.12 30.75 34.51
CA MET A 180 -5.95 30.95 33.33
C MET A 180 -5.36 30.25 32.12
N CYS A 181 -6.17 29.49 31.42
CA CYS A 181 -5.72 28.54 30.38
C CYS A 181 -6.46 28.80 29.07
N LEU A 182 -5.92 29.68 28.23
CA LEU A 182 -6.61 30.10 26.99
C LEU A 182 -6.50 29.05 25.92
N SER A 183 -7.54 28.95 25.10
CA SER A 183 -7.54 28.04 23.97
C SER A 183 -7.74 28.77 22.63
N GLY A 184 -7.24 28.18 21.55
CA GLY A 184 -7.63 28.57 20.21
C GLY A 184 -8.99 28.06 19.71
N SER A 185 -9.63 27.15 20.44
CA SER A 185 -10.88 26.63 19.93
C SER A 185 -12.00 27.62 20.08
N THR A 186 -12.74 27.78 19.01
CA THR A 186 -14.09 28.36 19.04
C THR A 186 -15.09 27.21 19.32
N SER A 187 -14.58 25.98 19.22
CA SER A 187 -15.31 24.75 19.44
C SER A 187 -15.66 24.60 20.94
N SER A 188 -14.73 24.09 21.75
CA SER A 188 -15.04 23.65 23.10
C SER A 188 -14.75 24.76 24.11
N ASN A 189 -14.97 24.48 25.39
CA ASN A 189 -14.68 25.43 26.45
C ASN A 189 -13.27 25.30 26.95
N SER A 190 -12.60 26.44 27.04
CA SER A 190 -11.37 26.64 27.80
C SER A 190 -11.82 27.02 29.21
N VAL A 191 -10.90 27.30 30.12
CA VAL A 191 -11.27 27.65 31.48
C VAL A 191 -10.29 28.65 32.10
N ILE A 192 -10.80 29.54 32.93
CA ILE A 192 -10.02 30.15 34.00
C ILE A 192 -10.41 29.60 35.42
N ILE A 193 -9.41 29.41 36.25
CA ILE A 193 -9.60 28.86 37.57
C ILE A 193 -9.12 29.86 38.62
N PHE A 194 -10.06 30.42 39.37
CA PHE A 194 -9.75 31.31 40.45
C PHE A 194 -9.52 30.48 41.71
N GLY A 195 -8.58 30.87 42.57
CA GLY A 195 -8.30 30.15 43.83
C GLY A 195 -7.04 29.33 43.76
N ASN A 196 -6.97 28.27 44.56
CA ASN A 196 -5.75 27.43 44.60
C ASN A 196 -5.65 26.20 43.66
N ASP A 197 -4.40 26.01 43.18
CA ASP A 197 -3.85 24.75 42.64
C ASP A 197 -4.38 23.52 43.38
N PRO A 198 -4.08 22.32 42.85
CA PRO A 198 -3.46 21.99 41.56
C PRO A 198 -4.51 21.82 40.47
N TYR A 199 -4.21 22.23 39.25
CA TYR A 199 -5.18 22.17 38.15
C TYR A 199 -4.96 20.89 37.40
N THR A 200 -6.04 20.15 37.15
CA THR A 200 -5.93 18.87 36.47
C THR A 200 -6.57 18.95 35.08
N PHE A 201 -5.85 18.54 34.04
CA PHE A 201 -6.40 18.52 32.66
C PHE A 201 -6.42 17.10 32.12
N LEU A 202 -7.59 16.63 31.67
CA LEU A 202 -7.74 15.26 31.18
C LEU A 202 -6.72 14.91 30.06
N PRO A 203 -6.37 13.63 29.91
CA PRO A 203 -6.81 12.48 30.73
C PRO A 203 -6.36 12.49 32.21
N ASN A 204 -5.14 12.94 32.52
CA ASN A 204 -4.57 12.80 33.86
C ASN A 204 -3.44 13.76 34.15
N ILE A 205 -3.42 14.92 33.48
CA ILE A 205 -2.32 15.83 33.56
C ILE A 205 -2.52 16.83 34.68
N ILE A 206 -1.78 16.65 35.77
CA ILE A 206 -1.79 17.54 36.91
C ILE A 206 -0.81 18.71 36.74
N VAL A 207 -1.25 19.92 37.04
CA VAL A 207 -0.36 21.09 36.94
C VAL A 207 -0.46 21.77 38.31
N SER A 208 0.68 21.98 38.96
CA SER A 208 0.75 22.53 40.30
C SER A 208 1.92 23.49 40.43
N ASP A 209 2.00 24.14 41.58
CA ASP A 209 3.08 25.12 41.86
C ASP A 209 4.46 24.46 41.87
N LYS A 210 4.51 23.15 42.12
CA LYS A 210 5.76 22.40 42.02
C LYS A 210 6.15 22.22 40.54
N THR A 211 5.15 22.18 39.68
CA THR A 211 5.35 21.95 38.26
C THR A 211 5.68 23.21 37.40
N LEU A 212 5.17 24.38 37.78
CA LEU A 212 5.29 25.56 36.91
C LEU A 212 6.64 26.24 37.09
N THR A 213 6.99 27.07 36.11
CA THR A 213 8.21 27.88 36.11
C THR A 213 7.81 29.25 36.65
N TYR A 214 8.60 29.81 37.54
CA TYR A 214 8.26 31.10 38.16
C TYR A 214 9.24 32.25 37.85
N THR A 215 8.67 33.37 37.40
CA THR A 215 9.41 34.63 37.21
C THR A 215 8.73 35.69 38.09
N PRO A 216 9.50 36.64 38.62
CA PRO A 216 8.87 37.76 39.35
C PRO A 216 7.84 38.52 38.52
N LEU A 217 6.81 39.00 39.20
CA LEU A 217 5.76 39.79 38.57
C LEU A 217 6.11 41.21 38.94
N LEU A 218 6.35 42.03 37.92
CA LEU A 218 6.88 43.38 38.11
C LEU A 218 5.76 44.42 38.02
N THR A 219 5.95 45.51 38.77
CA THR A 219 4.96 46.57 38.86
C THR A 219 5.43 47.83 38.18
N ASN A 220 4.74 48.21 37.11
CA ASN A 220 5.03 49.45 36.40
C ASN A 220 4.51 50.64 37.21
N PRO A 221 5.41 51.44 37.79
CA PRO A 221 5.03 52.52 38.74
C PRO A 221 4.21 53.69 38.16
N VAL A 222 4.23 53.80 36.84
CA VAL A 222 3.38 54.74 36.14
C VAL A 222 2.50 53.91 35.21
N SER A 223 1.29 54.40 35.02
CA SER A 223 0.26 53.72 34.29
C SER A 223 0.26 54.05 32.80
N THR A 224 0.24 52.98 32.02
CA THR A 224 -0.06 52.98 30.57
C THR A 224 -1.54 53.21 30.42
N SER A 225 -2.27 52.60 31.36
CA SER A 225 -3.73 52.68 31.49
C SER A 225 -4.02 54.20 31.70
N ALA A 226 -3.85 55.01 30.65
CA ALA A 226 -3.60 56.49 30.78
C ALA A 226 -4.84 57.44 30.92
N THR A 227 -5.83 57.04 31.72
CA THR A 227 -7.04 57.85 31.91
C THR A 227 -6.87 58.69 33.14
N THR A 229 -6.17 59.32 37.25
CA THR A 229 -5.39 59.14 38.46
C THR A 229 -3.97 59.62 38.17
N GLN A 230 -3.41 60.34 39.13
CA GLN A 230 -2.09 60.97 38.98
C GLN A 230 -1.12 60.23 39.85
N GLY A 231 -0.04 59.77 39.27
CA GLY A 231 0.94 59.01 40.01
C GLY A 231 0.35 57.72 40.52
N GLU A 232 -0.53 57.14 39.71
CA GLU A 232 -1.16 55.83 40.02
C GLU A 232 -0.59 54.74 39.12
N PRO A 233 -0.13 53.63 39.73
CA PRO A 233 0.60 52.64 38.95
C PRO A 233 -0.32 51.85 38.01
N SER A 234 0.29 51.07 37.11
CA SER A 234 -0.47 50.22 36.19
C SER A 234 -0.90 49.03 37.00
N VAL A 235 -2.16 48.64 36.84
CA VAL A 235 -2.65 47.42 37.47
C VAL A 235 -2.45 46.20 36.58
N GLU A 236 -1.58 46.31 35.56
CA GLU A 236 -1.32 45.25 34.59
C GLU A 236 -0.18 44.30 34.96
N TYR A 237 0.02 43.26 34.17
CA TYR A 237 1.00 42.22 34.52
C TYR A 237 2.22 42.24 33.60
N PHE A 238 3.34 42.69 34.14
CA PHE A 238 4.60 42.80 33.41
C PHE A 238 5.54 41.80 33.99
N ILE A 239 6.33 41.16 33.12
CA ILE A 239 7.37 40.25 33.55
C ILE A 239 8.70 40.70 32.93
N GLY A 240 9.81 40.19 33.47
CA GLY A 240 11.18 40.66 33.10
C GLY A 240 12.00 39.83 32.11
N VAL A 241 11.75 40.05 30.81
CA VAL A 241 12.52 39.42 29.75
C VAL A 241 13.90 40.07 29.72
N LYS A 242 14.97 39.27 29.75
CA LYS A 242 16.36 39.81 29.65
C LYS A 242 16.91 39.75 28.22
N SER A 243 16.54 38.71 27.48
CA SER A 243 16.87 38.58 26.05
C SER A 243 15.93 37.62 25.34
N ILE A 244 15.94 37.68 24.02
CA ILE A 244 15.22 36.71 23.21
C ILE A 244 16.21 35.80 22.53
N LYS A 245 15.97 34.48 22.61
CA LYS A 245 16.80 33.48 21.91
C LYS A 245 15.97 32.81 20.83
N ILE A 246 16.53 32.65 19.64
CA ILE A 246 15.85 31.92 18.58
C ILE A 246 16.65 30.65 18.23
N ASN A 247 16.29 29.55 18.90
CA ASN A 247 17.04 28.32 18.80
C ASN A 247 18.46 28.59 19.24
N SER A 248 18.65 28.74 20.54
CA SER A 248 19.97 28.90 21.16
C SER A 248 20.81 30.16 20.75
N LYS A 249 20.30 31.03 19.88
CA LYS A 249 21.06 32.21 19.42
C LYS A 249 20.42 33.57 19.76
N ILE A 250 21.09 34.35 20.60
CA ILE A 250 20.61 35.66 21.05
C ILE A 250 20.41 36.61 19.87
N VAL A 251 19.23 37.22 19.76
CA VAL A 251 18.97 38.22 18.72
C VAL A 251 19.46 39.60 19.15
N ALA A 252 20.15 40.30 18.25
CA ALA A 252 20.73 41.62 18.57
C ALA A 252 19.64 42.72 18.69
N LEU A 253 19.32 43.08 19.95
CA LEU A 253 18.31 44.12 20.25
C LEU A 253 18.85 45.24 21.17
N ASN A 254 18.08 46.32 21.29
CA ASN A 254 18.36 47.32 22.31
C ASN A 254 17.88 46.83 23.68
N THR A 255 18.78 46.36 24.53
CA THR A 255 18.34 45.77 25.80
C THR A 255 17.80 46.81 26.78
N SER A 256 18.07 48.09 26.50
CA SER A 256 17.49 49.19 27.26
C SER A 256 15.95 49.22 27.13
N LEU A 257 15.43 48.92 25.94
CA LEU A 257 13.96 48.90 25.72
C LEU A 257 13.23 47.86 26.56
N LEU A 258 13.94 46.79 26.89
CA LEU A 258 13.37 45.70 27.71
C LEU A 258 12.99 46.13 29.12
N SER A 259 13.73 47.09 29.65
CA SER A 259 13.60 47.51 31.03
C SER A 259 12.62 48.68 31.14
N ILE A 260 11.69 48.60 32.10
CA ILE A 260 10.76 49.68 32.42
C ILE A 260 11.46 50.88 33.03
N SER A 261 11.22 52.07 32.48
CA SER A 261 11.98 53.26 32.85
C SER A 261 11.40 53.98 34.06
N SER A 262 11.81 55.23 34.26
CA SER A 262 11.20 56.11 35.28
C SER A 262 9.79 56.55 34.88
N ALA A 263 9.62 56.83 33.58
CA ALA A 263 8.37 57.32 33.00
C ALA A 263 7.38 56.19 32.66
N GLY A 264 7.81 54.94 32.81
CA GLY A 264 6.95 53.80 32.57
C GLY A 264 6.89 53.32 31.13
N LEU A 265 7.93 53.61 30.36
CA LEU A 265 8.07 53.13 28.99
C LEU A 265 8.84 51.79 28.95
N GLY A 266 8.46 50.92 28.01
CA GLY A 266 9.21 49.67 27.72
C GLY A 266 8.81 48.51 28.59
N GLY A 267 9.50 47.38 28.42
CA GLY A 267 9.24 46.18 29.21
C GLY A 267 8.28 45.24 28.52
N THR A 268 7.97 44.15 29.21
CA THR A 268 7.06 43.10 28.71
C THR A 268 5.84 42.94 29.61
N LYS A 269 4.67 42.98 28.99
CA LYS A 269 3.43 42.74 29.69
C LYS A 269 2.69 41.64 28.96
N ILE A 270 1.80 40.93 29.68
CA ILE A 270 0.92 39.92 29.13
C ILE A 270 -0.41 40.59 28.99
N SER A 271 -1.14 40.23 27.92
CA SER A 271 -2.47 40.72 27.64
C SER A 271 -3.32 39.69 26.93
N THR A 272 -4.65 39.83 27.06
CA THR A 272 -5.62 39.01 26.36
C THR A 272 -6.45 39.82 25.37
N ILE A 273 -6.18 41.12 25.26
CA ILE A 273 -6.85 42.03 24.32
C ILE A 273 -6.19 41.99 22.94
N ASN A 274 -4.87 41.79 22.93
CA ASN A 274 -4.07 41.62 21.72
C ASN A 274 -3.98 40.14 21.29
N PRO A 275 -4.55 39.81 20.12
CA PRO A 275 -4.59 38.42 19.68
C PRO A 275 -3.25 37.86 19.26
N TYR A 276 -2.38 38.73 18.76
CA TYR A 276 -1.01 38.37 18.43
C TYR A 276 -0.08 39.30 19.16
N THR A 277 1.16 38.85 19.37
CA THR A 277 2.08 39.51 20.29
C THR A 277 2.69 40.73 19.63
N VAL A 278 2.46 41.90 20.24
CA VAL A 278 2.93 43.15 19.66
C VAL A 278 4.36 43.39 19.98
N LEU A 279 5.14 43.57 18.92
CA LEU A 279 6.53 43.87 19.02
C LEU A 279 6.89 45.29 18.46
N GLU A 280 7.66 46.05 19.24
CA GLU A 280 8.03 47.40 18.88
C GLU A 280 8.92 47.27 17.64
N THR A 281 8.95 48.29 16.78
CA THR A 281 9.67 48.19 15.49
C THR A 281 11.12 47.71 15.66
N SER A 282 11.83 48.22 16.65
CA SER A 282 13.22 47.81 16.89
C SER A 282 13.40 46.32 17.18
N ILE A 283 12.52 45.79 18.04
CA ILE A 283 12.52 44.38 18.42
C ILE A 283 11.92 43.54 17.31
N TYR A 284 10.85 44.07 16.73
CA TYR A 284 10.17 43.43 15.59
C TYR A 284 11.11 43.14 14.42
N LYS A 285 11.88 44.15 14.02
CA LYS A 285 12.82 43.95 12.95
C LYS A 285 13.76 42.82 13.34
N ALA A 286 14.42 42.93 14.48
CA ALA A 286 15.44 41.93 14.82
C ALA A 286 14.83 40.52 14.96
N VAL A 287 13.69 40.39 15.63
CA VAL A 287 13.09 39.09 15.85
C VAL A 287 12.66 38.42 14.54
N THR A 288 12.05 39.24 13.68
CA THR A 288 11.55 38.75 12.41
C THR A 288 12.70 38.34 11.51
N GLU A 289 13.72 39.17 11.43
CA GLU A 289 14.84 38.87 10.54
C GLU A 289 15.49 37.57 10.99
N ALA A 290 15.82 37.51 12.27
CA ALA A 290 16.49 36.33 12.77
C ALA A 290 15.60 35.05 12.63
N PHE A 291 14.30 35.20 12.85
CA PHE A 291 13.39 34.06 12.73
C PHE A 291 13.33 33.52 11.30
N ILE A 292 13.32 34.43 10.33
CA ILE A 292 13.42 34.09 8.92
C ILE A 292 14.75 33.41 8.66
N LYS A 293 15.80 34.04 9.17
CA LYS A 293 17.17 33.60 8.94
C LYS A 293 17.31 32.16 9.37
N GLU A 294 16.88 31.86 10.59
CA GLU A 294 17.00 30.50 11.12
C GLU A 294 16.04 29.53 10.42
N SER A 295 14.85 30.00 10.03
CA SER A 295 13.87 29.14 9.34
C SER A 295 14.40 28.65 7.97
N ALA A 296 15.10 29.52 7.25
CA ALA A 296 15.73 29.14 6.01
C ALA A 296 16.86 28.15 6.29
N ALA A 297 17.52 28.31 7.44
CA ALA A 297 18.62 27.44 7.84
C ALA A 297 18.18 25.98 8.01
N ARG A 298 16.90 25.73 8.20
CA ARG A 298 16.44 24.37 8.04
C ARG A 298 15.49 24.25 6.84
N ASN A 299 15.86 24.91 5.75
CA ASN A 299 15.15 24.82 4.48
C ASN A 299 13.66 25.13 4.56
N ILE A 300 13.26 26.03 5.44
CA ILE A 300 11.88 26.57 5.43
C ILE A 300 11.87 27.97 4.78
N THR A 301 11.20 28.07 3.63
CA THR A 301 11.29 29.22 2.74
C THR A 301 10.19 30.26 2.95
N ARG A 302 10.48 31.51 2.63
CA ARG A 302 9.53 32.61 2.77
C ARG A 302 8.59 32.75 1.57
N VAL A 303 7.34 33.06 1.89
CA VAL A 303 6.26 33.31 0.91
C VAL A 303 5.63 34.68 1.21
N ALA A 304 4.70 35.10 0.35
CA ALA A 304 4.11 36.45 0.45
C ALA A 304 3.63 36.69 1.90
N SER A 305 3.70 37.94 2.33
CA SER A 305 3.27 38.34 3.67
C SER A 305 1.77 38.50 3.69
N VAL A 306 1.07 37.56 4.31
CA VAL A 306 -0.39 37.67 4.47
C VAL A 306 -0.74 38.63 5.62
N ALA A 307 -1.86 39.32 5.51
CA ALA A 307 -2.29 40.26 6.55
C ALA A 307 -2.85 39.44 7.71
N PRO A 308 -2.62 39.89 8.97
CA PRO A 308 -1.89 41.08 9.40
C PRO A 308 -0.41 40.83 9.70
N PHE A 309 0.14 39.77 9.13
CA PHE A 309 1.45 39.27 9.56
C PHE A 309 2.62 39.76 8.71
N GLY A 310 3.77 39.95 9.36
CA GLY A 310 5.01 40.25 8.66
C GLY A 310 5.57 39.10 7.85
N ALA A 311 6.03 38.05 8.55
CA ALA A 311 6.67 36.91 7.92
C ALA A 311 5.68 35.82 7.68
N CYS A 312 5.79 35.13 6.55
CA CYS A 312 5.01 33.93 6.29
C CYS A 312 5.87 32.98 5.48
N PHE A 313 5.50 31.72 5.43
CA PHE A 313 6.41 30.65 4.96
C PHE A 313 5.67 29.46 4.30
N SER A 314 6.39 28.72 3.46
CA SER A 314 5.85 27.49 2.87
C SER A 314 5.75 26.34 3.87
N THR A 315 4.70 25.54 3.75
CA THR A 315 4.59 24.29 4.50
C THR A 315 5.23 23.07 3.78
N ASP A 316 6.22 23.31 2.89
CA ASP A 316 6.85 22.22 2.10
C ASP A 316 7.79 21.36 2.93
N ASN A 317 8.77 21.97 3.60
CA ASN A 317 9.56 21.25 4.60
C ASN A 317 9.15 21.54 6.06
N ILE A 318 7.91 22.00 6.26
CA ILE A 318 7.42 22.21 7.59
C ILE A 318 6.87 20.88 8.04
N LEU A 319 7.64 20.20 8.89
CA LEU A 319 7.23 18.95 9.51
C LEU A 319 6.19 19.22 10.62
N SER A 320 5.22 18.33 10.76
CA SER A 320 4.26 18.44 11.84
C SER A 320 4.88 17.75 13.06
N THR A 321 4.95 18.45 14.18
CA THR A 321 5.26 17.81 15.44
C THR A 321 4.15 17.99 16.50
N ARG A 322 4.30 17.29 17.62
CA ARG A 322 3.35 17.34 18.72
C ARG A 322 3.32 18.74 19.28
N LEU A 323 4.48 19.41 19.24
CA LEU A 323 4.65 20.76 19.73
C LEU A 323 4.35 21.82 18.68
N GLY A 324 3.78 21.41 17.55
CA GLY A 324 3.50 22.38 16.49
C GLY A 324 4.16 22.07 15.16
N PRO A 325 4.48 23.09 14.39
CA PRO A 325 5.27 22.86 13.20
C PRO A 325 6.74 22.92 13.55
N SER A 326 7.57 22.23 12.77
CA SER A 326 9.00 22.09 13.07
C SER A 326 9.83 23.35 12.81
N VAL A 327 9.46 24.47 13.40
CA VAL A 327 10.16 25.75 13.20
C VAL A 327 11.03 26.03 14.40
N PRO A 328 12.05 26.92 14.27
CA PRO A 328 12.86 27.26 15.47
C PRO A 328 11.97 27.74 16.59
N SER A 329 12.33 27.44 17.83
CA SER A 329 11.57 27.97 18.96
C SER A 329 12.08 29.39 19.29
N ILE A 330 11.19 30.25 19.77
CA ILE A 330 11.56 31.54 20.36
C ILE A 330 11.53 31.39 21.88
N ASP A 331 12.68 31.60 22.52
CA ASP A 331 12.79 31.50 23.97
C ASP A 331 12.98 32.88 24.52
N LEU A 332 12.03 33.33 25.33
CA LEU A 332 12.18 34.57 26.07
C LEU A 332 12.92 34.27 27.39
N VAL A 333 14.18 34.68 27.48
CA VAL A 333 15.00 34.35 28.64
C VAL A 333 14.72 35.38 29.75
N LEU A 334 14.26 34.89 30.89
CA LEU A 334 13.77 35.78 31.95
C LEU A 334 14.90 36.26 32.92
N GLN A 335 14.65 36.20 34.23
CA GLN A 335 15.55 36.77 35.23
C GLN A 335 16.88 35.99 35.35
N SER A 336 16.85 34.68 35.12
CA SER A 336 18.07 33.85 35.09
C SER A 336 18.26 33.35 33.68
N GLU A 337 19.35 32.62 33.44
CA GLU A 337 19.58 31.97 32.14
C GLU A 337 18.90 30.60 32.01
N SER A 338 18.45 30.05 33.12
CA SER A 338 17.78 28.75 33.15
C SER A 338 16.26 28.85 33.34
N VAL A 339 15.73 30.08 33.43
CA VAL A 339 14.29 30.36 33.45
C VAL A 339 13.86 31.02 32.14
N VAL A 340 13.03 30.34 31.36
CA VAL A 340 12.69 30.71 29.98
C VAL A 340 11.24 30.33 29.61
N TRP A 341 10.56 31.28 28.98
CA TRP A 341 9.29 31.10 28.42
C TRP A 341 9.64 30.69 27.05
N THR A 342 9.49 29.38 26.77
CA THR A 342 9.73 28.76 25.47
C THR A 342 8.48 28.92 24.64
N ILE A 343 8.62 29.14 23.35
CA ILE A 343 7.47 29.27 22.42
C ILE A 343 7.74 28.37 21.22
N THR A 344 7.01 27.27 21.14
CA THR A 344 7.14 26.34 20.03
C THR A 344 6.31 26.89 18.88
N GLY A 345 6.15 26.14 17.82
CA GLY A 345 5.43 26.63 16.66
C GLY A 345 3.92 26.72 16.83
N SER A 346 3.38 25.84 17.65
CA SER A 346 1.94 25.92 17.94
C SER A 346 1.65 27.31 18.55
N ASN A 347 2.61 27.89 19.30
CA ASN A 347 2.49 29.25 19.93
C ASN A 347 3.07 30.43 19.12
N SER A 348 3.82 30.14 18.07
CA SER A 348 4.38 31.18 17.25
C SER A 348 3.68 31.23 15.90
N MET A 349 3.37 30.09 15.36
CA MET A 349 2.93 30.08 13.98
C MET A 349 1.42 30.09 13.87
N VAL A 350 0.92 30.49 12.70
CA VAL A 350 -0.50 30.60 12.46
C VAL A 350 -0.86 30.12 11.06
N TYR A 351 -1.55 28.98 10.96
CA TYR A 351 -1.90 28.45 9.64
C TYR A 351 -2.89 29.34 8.91
N ILE A 352 -2.50 29.79 7.70
CA ILE A 352 -3.40 30.55 6.80
C ILE A 352 -4.29 29.57 6.04
N ASN A 353 -3.65 28.60 5.39
CA ASN A 353 -4.32 27.46 4.76
C ASN A 353 -3.36 26.25 4.84
N ASP A 354 -3.62 25.20 4.06
CA ASP A 354 -2.78 23.99 4.06
C ASP A 354 -1.30 24.24 3.70
N ASN A 355 -1.05 25.24 2.84
CA ASN A 355 0.27 25.46 2.20
C ASN A 355 1.14 26.62 2.74
N VAL A 356 0.56 27.48 3.60
CA VAL A 356 1.26 28.65 4.13
C VAL A 356 1.14 28.72 5.66
N VAL A 357 2.27 29.02 6.32
CA VAL A 357 2.36 29.25 7.77
C VAL A 357 2.98 30.63 8.06
N CYS A 358 2.27 31.48 8.79
CA CYS A 358 2.80 32.82 9.12
C CYS A 358 3.30 32.87 10.55
N LEU A 359 4.18 33.84 10.84
CA LEU A 359 4.63 34.10 12.22
C LEU A 359 3.61 34.97 12.90
N GLY A 360 3.23 34.66 14.12
CA GLY A 360 2.10 35.34 14.72
C GLY A 360 2.52 36.45 15.64
N VAL A 361 3.42 37.31 15.16
CA VAL A 361 3.90 38.46 15.91
C VAL A 361 3.77 39.68 15.01
N VAL A 362 3.06 40.69 15.51
CA VAL A 362 2.75 41.84 14.73
C VAL A 362 3.62 43.05 15.14
N ASP A 363 3.77 44.01 14.22
CA ASP A 363 4.56 45.19 14.46
C ASP A 363 3.68 46.29 15.07
N GLY A 364 4.18 46.95 16.10
CA GLY A 364 3.36 47.89 16.86
C GLY A 364 3.82 49.32 16.79
N GLY A 365 4.51 49.68 15.71
CA GLY A 365 5.11 51.00 15.55
C GLY A 365 6.25 51.30 16.50
N SER A 366 6.62 52.56 16.57
CA SER A 366 7.60 53.04 17.54
C SER A 366 6.89 54.02 18.46
N ASN A 367 7.51 54.34 19.59
CA ASN A 367 6.86 55.12 20.66
C ASN A 367 5.51 54.51 21.10
N LEU A 368 5.51 53.19 21.30
CA LEU A 368 4.43 52.48 21.98
C LEU A 368 4.83 52.39 23.45
N ARG A 369 3.85 52.50 24.35
CA ARG A 369 4.15 52.51 25.78
C ARG A 369 4.96 51.26 26.30
N THR A 370 4.75 50.11 25.67
CA THR A 370 5.34 48.86 26.14
C THR A 370 6.11 48.16 25.00
N SER A 371 7.32 47.70 25.28
CA SER A 371 8.23 47.23 24.23
C SER A 371 7.81 45.91 23.68
N ILE A 372 7.52 44.97 24.58
CA ILE A 372 6.96 43.67 24.21
C ILE A 372 5.61 43.47 24.87
N VAL A 373 4.62 43.02 24.11
CA VAL A 373 3.29 42.64 24.67
C VAL A 373 2.95 41.21 24.26
N ILE A 374 3.01 40.26 25.19
CA ILE A 374 2.71 38.85 24.87
C ILE A 374 1.18 38.70 24.66
N GLY A 375 0.79 38.12 23.52
CA GLY A 375 -0.59 38.19 23.04
C GLY A 375 -1.34 36.88 23.20
N GLY A 376 -2.57 36.84 22.72
CA GLY A 376 -3.48 35.72 22.93
C GLY A 376 -2.93 34.43 22.39
N HIS A 377 -2.49 34.44 21.13
CA HIS A 377 -2.07 33.21 20.43
C HIS A 377 -0.89 32.59 21.12
N GLN A 378 0.03 33.41 21.57
CA GLN A 378 1.20 32.97 22.33
C GLN A 378 0.86 32.52 23.76
N LEU A 379 -0.37 32.77 24.20
CA LEU A 379 -0.84 32.31 25.54
C LEU A 379 -1.63 31.02 25.43
N GLU A 380 -2.13 30.74 24.22
CA GLU A 380 -3.00 29.59 23.96
C GLU A 380 -2.34 28.25 24.27
N ASP A 381 -3.08 27.41 24.99
CA ASP A 381 -2.59 26.12 25.52
C ASP A 381 -1.39 26.19 26.52
N ASN A 382 -1.20 27.33 27.20
CA ASN A 382 -0.25 27.42 28.32
C ASN A 382 -1.03 27.68 29.61
N LEU A 383 -0.85 26.91 30.68
CA LEU A 383 -1.41 27.31 31.96
C LEU A 383 -0.56 28.46 32.48
N VAL A 384 -1.16 29.61 32.71
CA VAL A 384 -0.47 30.78 33.20
C VAL A 384 -1.12 31.22 34.54
N GLN A 385 -0.33 31.15 35.61
CA GLN A 385 -0.78 31.40 36.98
C GLN A 385 -0.29 32.81 37.43
N PHE A 386 -1.22 33.62 37.92
CA PHE A 386 -0.89 34.91 38.45
C PHE A 386 -1.14 34.91 39.96
N ASP A 387 -0.05 35.01 40.72
CA ASP A 387 -0.07 35.12 42.17
C ASP A 387 0.15 36.57 42.62
N LEU A 388 -0.94 37.23 42.98
CA LEU A 388 -0.95 38.65 43.34
C LEU A 388 -0.40 38.89 44.74
N ALA A 389 -0.61 37.93 45.64
CA ALA A 389 -0.11 38.04 47.02
C ALA A 389 1.42 38.12 47.04
N THR A 390 2.07 37.12 46.47
CA THR A 390 3.51 37.05 46.47
C THR A 390 4.15 37.53 45.17
N SER A 391 3.37 38.21 44.35
CA SER A 391 3.93 39.04 43.27
C SER A 391 4.78 38.22 42.27
N ARG A 392 4.23 37.12 41.76
CA ARG A 392 4.93 36.24 40.79
C ARG A 392 4.05 35.68 39.67
N VAL A 393 4.67 35.30 38.56
CA VAL A 393 3.95 34.58 37.51
C VAL A 393 4.58 33.21 37.31
N GLY A 394 3.76 32.17 37.39
CA GLY A 394 4.18 30.80 37.08
C GLY A 394 3.55 30.33 35.77
N PHE A 395 4.29 29.54 35.00
CA PHE A 395 3.79 29.10 33.71
C PHE A 395 4.21 27.64 33.39
N SER A 396 3.33 26.94 32.68
CA SER A 396 3.49 25.50 32.42
C SER A 396 4.35 25.17 31.21
N GLY A 397 4.31 26.06 30.22
CA GLY A 397 4.79 25.74 28.89
C GLY A 397 3.64 25.24 28.04
N THR A 398 3.93 24.90 26.79
CA THR A 398 2.91 24.33 25.91
C THR A 398 2.36 23.06 26.56
N LEU A 399 1.06 23.03 26.86
CA LEU A 399 0.46 21.83 27.43
C LEU A 399 0.39 20.67 26.44
N LEU A 400 0.63 20.97 25.16
CA LEU A 400 0.63 19.93 24.12
C LEU A 400 1.78 18.98 24.38
N GLY A 401 2.88 19.50 24.93
CA GLY A 401 4.02 18.68 25.32
C GLY A 401 3.72 17.55 26.28
N SER A 402 2.72 17.75 27.16
CA SER A 402 2.28 16.68 28.04
C SER A 402 1.07 15.90 27.49
N ARG A 403 0.75 16.13 26.21
CA ARG A 403 -0.43 15.55 25.57
C ARG A 403 -1.73 15.92 26.26
N THR A 404 -1.87 17.22 26.53
CA THR A 404 -3.19 17.77 26.88
C THR A 404 -3.35 19.16 26.23
N THR A 405 -4.53 19.74 26.33
CA THR A 405 -4.81 21.05 25.79
C THR A 405 -5.54 21.85 26.85
N CYS A 406 -5.66 23.15 26.70
CA CYS A 406 -6.38 23.97 27.66
C CYS A 406 -7.90 23.62 27.63
N ALA A 407 -8.38 23.00 26.55
CA ALA A 407 -9.76 22.51 26.47
C ALA A 407 -9.99 21.11 27.11
N ASN A 408 -9.09 20.64 27.93
CA ASN A 408 -9.28 19.33 28.48
C ASN A 408 -9.70 19.31 29.94
N PHE A 409 -10.22 20.42 30.40
CA PHE A 409 -10.71 20.48 31.75
C PHE A 409 -12.07 19.86 31.74
N ASN A 410 -12.40 19.14 32.82
CA ASN A 410 -13.64 18.39 32.91
C ASN A 410 -14.74 19.36 33.34
N PHE A 411 -15.16 20.24 32.42
CA PHE A 411 -16.13 21.31 32.73
C PHE A 411 -17.58 20.92 32.41
N THR A 412 -18.48 21.30 33.30
CA THR A 412 -19.90 20.98 33.20
C THR A 412 -20.72 22.00 34.00
N SER B 5 -16.57 -5.09 17.98
CA SER B 5 -16.83 -4.17 19.12
C SER B 5 -15.74 -3.14 19.33
N ASP B 6 -16.03 -1.89 18.97
CA ASP B 6 -15.13 -0.79 19.22
C ASP B 6 -15.72 0.36 20.07
N PHE B 7 -14.95 1.41 20.23
CA PHE B 7 -15.34 2.52 21.05
C PHE B 7 -14.88 3.81 20.37
N CYS B 8 -15.63 4.88 20.53
CA CYS B 8 -15.34 6.12 19.79
C CYS B 8 -15.26 7.36 20.70
N GLY B 9 -15.25 7.15 22.02
CA GLY B 9 -15.24 8.25 22.99
C GLY B 9 -13.84 8.85 23.12
N GLN B 10 -13.77 10.08 23.59
CA GLN B 10 -12.50 10.77 23.77
C GLN B 10 -11.58 10.10 24.78
N TRP B 11 -12.19 9.51 25.82
CA TRP B 11 -11.45 8.77 26.85
C TRP B 11 -11.85 7.35 26.99
N ASP B 12 -12.52 6.79 25.99
CA ASP B 12 -12.96 5.39 26.09
C ASP B 12 -11.70 4.49 26.13
N THR B 13 -11.80 3.38 26.89
CA THR B 13 -10.65 2.48 27.03
C THR B 13 -11.04 1.01 26.93
N ALA B 14 -10.05 0.14 26.84
CA ALA B 14 -10.32 -1.29 26.87
C ALA B 14 -9.11 -2.02 27.41
N THR B 15 -9.38 -3.03 28.24
CA THR B 15 -8.36 -3.83 28.87
C THR B 15 -8.39 -5.17 28.14
N ALA B 16 -7.21 -5.65 27.76
CA ALA B 16 -7.09 -6.95 27.14
C ALA B 16 -5.75 -7.49 27.50
N GLY B 17 -5.73 -8.62 28.21
CA GLY B 17 -4.47 -9.22 28.67
C GLY B 17 -3.57 -8.21 29.37
N ASP B 18 -2.32 -8.16 28.94
CA ASP B 18 -1.30 -7.35 29.60
C ASP B 18 -1.49 -5.86 29.36
N PHE B 19 -2.51 -5.50 28.59
CA PHE B 19 -2.60 -4.12 28.05
C PHE B 19 -3.87 -3.34 28.40
N THR B 20 -3.77 -2.02 28.27
CA THR B 20 -4.93 -1.16 28.24
C THR B 20 -4.88 -0.45 26.88
N LEU B 21 -5.97 -0.49 26.13
CA LEU B 21 -5.99 0.11 24.81
C LEU B 21 -6.71 1.45 24.94
N TYR B 22 -6.06 2.53 24.49
CA TYR B 22 -6.55 3.89 24.75
C TYR B 22 -6.98 4.61 23.50
N ASN B 23 -8.18 5.17 23.48
CA ASN B 23 -8.64 5.95 22.31
C ASN B 23 -7.99 7.33 22.46
N ASP B 24 -8.00 7.83 23.70
CA ASP B 24 -7.22 9.02 24.11
C ASP B 24 -7.18 10.17 23.08
N LEU B 25 -8.34 10.75 22.76
CA LEU B 25 -8.44 11.74 21.67
C LEU B 25 -8.06 13.15 22.11
N TRP B 26 -6.86 13.30 22.68
CA TRP B 26 -6.65 14.44 23.52
C TRP B 26 -6.74 15.73 22.83
N GLY B 27 -6.40 15.76 21.56
CA GLY B 27 -6.53 16.95 20.73
C GLY B 27 -7.71 17.03 19.77
N GLU B 28 -8.75 16.25 20.00
CA GLU B 28 -9.97 16.37 19.19
C GLU B 28 -10.48 17.83 19.15
N SER B 29 -10.30 18.58 20.23
CA SER B 29 -10.63 20.01 20.21
C SER B 29 -9.85 20.85 19.26
N ALA B 30 -8.83 20.32 18.62
CA ALA B 30 -8.01 21.12 17.72
C ALA B 30 -8.41 20.97 16.27
N GLY B 31 -9.33 20.05 15.98
CA GLY B 31 -9.69 19.68 14.61
C GLY B 31 -11.12 19.18 14.54
N THR B 32 -11.52 18.74 13.36
CA THR B 32 -12.87 18.27 13.08
C THR B 32 -12.78 16.85 12.57
N GLY B 33 -13.59 15.96 13.15
CA GLY B 33 -13.66 14.55 12.71
C GLY B 33 -13.97 13.46 13.75
N SER B 34 -13.48 12.25 13.47
CA SER B 34 -13.95 11.03 14.16
C SER B 34 -12.81 10.06 14.33
N GLN B 35 -12.96 9.19 15.34
CA GLN B 35 -12.00 8.10 15.54
C GLN B 35 -12.61 7.01 16.36
N CYS B 36 -12.48 5.79 15.87
CA CYS B 36 -13.00 4.65 16.55
C CYS B 36 -11.96 3.56 16.69
N THR B 37 -11.79 3.05 17.91
CA THR B 37 -10.81 1.97 18.14
C THR B 37 -11.41 0.71 18.66
N GLY B 38 -10.76 -0.42 18.36
CA GLY B 38 -11.17 -1.72 18.91
C GLY B 38 -10.17 -2.88 18.94
N VAL B 39 -10.42 -3.80 19.86
CA VAL B 39 -9.64 -5.00 19.99
C VAL B 39 -10.14 -6.03 18.95
N ASP B 40 -9.19 -6.76 18.38
CA ASP B 40 -9.47 -7.77 17.38
C ASP B 40 -9.10 -9.16 17.95
N SER B 41 -7.94 -9.21 18.59
CA SER B 41 -7.45 -10.41 19.27
C SER B 41 -6.52 -10.00 20.38
N TYR B 42 -6.57 -10.76 21.46
CA TYR B 42 -5.58 -10.59 22.51
C TYR B 42 -5.31 -11.91 23.16
N SER B 43 -4.07 -12.09 23.61
CA SER B 43 -3.75 -13.12 24.60
C SER B 43 -2.44 -12.71 25.29
N GLY B 44 -2.53 -12.44 26.60
CA GLY B 44 -1.34 -12.22 27.42
C GLY B 44 -0.52 -11.04 26.97
N ASP B 45 0.71 -11.28 26.56
CA ASP B 45 1.62 -10.22 26.16
C ASP B 45 1.49 -9.86 24.69
N THR B 46 0.47 -10.39 24.00
CA THR B 46 0.23 -10.04 22.61
C THR B 46 -1.17 -9.55 22.35
N ILE B 47 -1.31 -8.63 21.38
CA ILE B 47 -2.58 -7.97 21.10
C ILE B 47 -2.72 -7.67 19.60
N ALA B 48 -3.96 -7.50 19.15
CA ALA B 48 -4.26 -7.00 17.82
C ALA B 48 -5.35 -5.93 17.98
N TRP B 49 -5.29 -4.88 17.17
CA TRP B 49 -6.35 -3.88 17.19
C TRP B 49 -6.40 -3.00 15.97
N HIS B 50 -7.33 -2.04 15.97
CA HIS B 50 -7.43 -1.11 14.87
C HIS B 50 -8.02 0.20 15.28
N THR B 51 -7.59 1.27 14.64
CA THR B 51 -8.23 2.58 14.81
C THR B 51 -8.50 3.13 13.42
N SER B 52 -9.75 3.41 13.14
CA SER B 52 -10.12 4.10 11.91
C SER B 52 -10.34 5.55 12.27
N TRP B 53 -9.94 6.48 11.42
CA TRP B 53 -10.18 7.88 11.75
C TRP B 53 -10.14 8.72 10.55
N SER B 54 -10.81 9.85 10.62
CA SER B 54 -10.61 10.89 9.64
C SER B 54 -10.52 12.17 10.45
N TRP B 55 -9.40 12.88 10.37
CA TRP B 55 -9.28 14.21 10.95
C TRP B 55 -8.93 15.24 9.92
N SER B 56 -9.58 16.40 10.01
CA SER B 56 -9.21 17.59 9.24
C SER B 56 -9.14 18.78 10.17
N GLY B 57 -8.46 19.84 9.75
CA GLY B 57 -8.15 20.97 10.64
C GLY B 57 -6.87 20.74 11.46
N GLY B 58 -6.35 21.84 12.01
CA GLY B 58 -5.16 21.81 12.83
C GLY B 58 -4.08 20.95 12.20
N SER B 59 -3.47 21.43 11.11
CA SER B 59 -2.42 20.65 10.46
C SER B 59 -1.15 20.48 11.36
N SER B 60 -1.04 21.36 12.35
CA SER B 60 0.05 21.40 13.31
C SER B 60 -0.18 20.51 14.57
N SER B 61 -1.44 20.37 14.93
CA SER B 61 -1.88 19.83 16.22
C SER B 61 -2.33 18.39 16.12
N VAL B 62 -1.73 17.58 16.99
CA VAL B 62 -2.05 16.16 17.12
C VAL B 62 -3.43 15.99 17.66
N LYS B 63 -4.27 15.19 17.01
CA LYS B 63 -5.67 14.98 17.49
C LYS B 63 -5.87 13.86 18.57
N SER B 64 -4.93 12.92 18.69
CA SER B 64 -5.11 11.76 19.55
C SER B 64 -3.82 10.95 19.71
N TYR B 65 -3.76 10.08 20.70
CA TYR B 65 -2.69 9.12 20.78
C TYR B 65 -3.16 7.77 21.07
N VAL B 66 -3.76 7.10 20.08
CA VAL B 66 -4.41 5.81 20.28
C VAL B 66 -3.27 4.86 20.45
N ASN B 67 -3.15 4.29 21.64
CA ASN B 67 -2.04 3.41 22.00
C ASN B 67 -2.48 2.21 22.84
N ALA B 68 -1.72 1.14 22.70
CA ALA B 68 -1.82 -0.03 23.56
C ALA B 68 -0.70 0.16 24.55
N ALA B 69 -1.00 0.01 25.83
CA ALA B 69 -0.03 0.26 26.90
C ALA B 69 0.07 -0.95 27.78
N LEU B 70 1.29 -1.36 28.06
CA LEU B 70 1.59 -2.49 28.93
C LEU B 70 1.42 -2.14 30.40
N THR B 71 0.92 -3.11 31.16
CA THR B 71 0.66 -2.93 32.55
C THR B 71 1.81 -3.63 33.17
N PHE B 72 2.61 -2.87 33.91
CA PHE B 72 3.79 -3.41 34.58
C PHE B 72 4.17 -2.51 35.74
N THR B 73 5.13 -2.95 36.56
CA THR B 73 5.63 -2.18 37.68
C THR B 73 6.84 -1.38 37.20
N PRO B 74 6.88 -0.08 37.55
CA PRO B 74 8.08 0.72 37.29
C PRO B 74 9.35 -0.01 37.70
N THR B 75 10.32 -0.07 36.80
CA THR B 75 11.48 -0.91 36.97
C THR B 75 12.71 -0.17 36.52
N GLN B 76 13.79 -0.33 37.25
CA GLN B 76 15.01 0.38 36.94
C GLN B 76 15.65 -0.21 35.70
N LEU B 77 16.31 0.64 34.92
CA LEU B 77 17.02 0.20 33.74
C LEU B 77 18.08 -0.87 34.09
N ASN B 78 18.91 -0.63 35.10
CA ASN B 78 19.98 -1.58 35.50
C ASN B 78 19.50 -2.94 36.00
N CYS B 79 18.19 -3.10 36.14
CA CYS B 79 17.57 -4.42 36.40
C CYS B 79 17.03 -5.12 35.12
N ILE B 80 16.81 -4.34 34.05
CA ILE B 80 16.25 -4.88 32.81
C ILE B 80 17.31 -5.64 32.01
N SER B 81 17.00 -6.90 31.70
CA SER B 81 17.85 -7.80 30.89
C SER B 81 17.47 -7.69 29.43
N SER B 82 16.17 -7.54 29.18
CA SER B 82 15.62 -7.46 27.83
C SER B 82 14.16 -7.02 27.83
N ILE B 83 13.77 -6.27 26.80
CA ILE B 83 12.35 -5.92 26.56
C ILE B 83 11.86 -6.44 25.18
N PRO B 84 11.75 -7.75 25.02
CA PRO B 84 11.42 -8.29 23.68
C PRO B 84 10.11 -7.71 23.11
N THR B 85 10.12 -7.32 21.82
CA THR B 85 8.95 -6.70 21.19
C THR B 85 8.72 -7.14 19.75
N THR B 86 7.47 -7.43 19.38
CA THR B 86 7.15 -7.63 17.96
C THR B 86 5.99 -6.73 17.56
N TRP B 87 6.15 -6.03 16.42
CA TRP B 87 5.09 -5.17 15.91
C TRP B 87 4.94 -5.24 14.40
N LYS B 88 3.77 -5.71 13.98
CA LYS B 88 3.34 -5.79 12.59
C LYS B 88 2.02 -4.99 12.45
N TRP B 89 2.00 -4.07 11.51
CA TRP B 89 0.85 -3.22 11.28
C TRP B 89 0.76 -2.79 9.84
N SER B 90 -0.39 -2.29 9.46
CA SER B 90 -0.59 -1.70 8.11
C SER B 90 -1.49 -0.48 8.21
N TYR B 91 -1.28 0.52 7.35
CA TYR B 91 -2.10 1.74 7.36
C TYR B 91 -2.73 1.90 5.99
N SER B 92 -4.07 1.88 5.93
CA SER B 92 -4.84 2.30 4.75
C SER B 92 -5.15 3.79 4.88
N GLY B 93 -5.63 4.39 3.78
CA GLY B 93 -6.26 5.71 3.79
C GLY B 93 -5.43 6.78 3.11
N SER B 94 -6.09 7.89 2.76
CA SER B 94 -5.50 8.98 1.95
C SER B 94 -5.09 10.24 2.73
N SER B 95 -4.00 10.87 2.25
CA SER B 95 -3.42 12.08 2.86
C SER B 95 -3.06 11.88 4.33
N ILE B 96 -2.61 10.68 4.67
CA ILE B 96 -2.30 10.36 6.05
C ILE B 96 -1.06 11.11 6.46
N VAL B 97 -1.20 11.92 7.49
CA VAL B 97 -0.11 12.55 8.20
C VAL B 97 -0.30 12.02 9.60
N ALA B 98 0.63 11.18 10.03
CA ALA B 98 0.60 10.54 11.36
C ALA B 98 1.88 9.73 11.59
N ASP B 99 2.17 9.40 12.85
CA ASP B 99 3.31 8.52 13.14
C ASP B 99 2.88 7.19 13.80
N VAL B 100 3.84 6.31 13.96
CA VAL B 100 3.58 5.03 14.66
C VAL B 100 4.81 4.78 15.44
N ALA B 101 4.70 4.86 16.75
CA ALA B 101 5.84 4.87 17.56
C ALA B 101 5.64 4.11 18.84
N TYR B 102 6.72 3.49 19.32
CA TYR B 102 6.89 3.13 20.72
C TYR B 102 7.07 4.44 21.46
N ASP B 103 6.55 4.51 22.69
CA ASP B 103 6.64 5.72 23.51
C ASP B 103 6.84 5.36 25.00
N THR B 104 7.92 5.86 25.59
CA THR B 104 8.28 5.47 26.94
C THR B 104 8.72 6.65 27.77
N PHE B 105 8.92 6.43 29.05
CA PHE B 105 9.24 7.54 29.97
C PHE B 105 10.10 7.04 31.11
N LEU B 106 11.07 7.89 31.48
CA LEU B 106 12.01 7.60 32.56
C LEU B 106 11.94 8.63 33.69
N ALA B 107 11.67 8.17 34.90
CA ALA B 107 11.70 9.02 36.10
C ALA B 107 12.79 8.57 37.09
N GLU B 108 13.09 9.41 38.08
CA GLU B 108 14.13 9.14 39.08
C GLU B 108 13.60 8.46 40.33
N THR B 109 12.30 8.66 40.54
CA THR B 109 11.47 7.90 41.44
C THR B 109 10.52 7.08 40.56
N ALA B 110 9.88 6.06 41.13
CA ALA B 110 8.89 5.24 40.39
C ALA B 110 7.50 5.86 40.49
N SER B 111 7.42 7.17 40.32
CA SER B 111 6.23 7.95 40.68
C SER B 111 6.31 9.41 40.22
N GLY B 112 7.45 10.06 40.48
CA GLY B 112 7.70 11.46 40.07
C GLY B 112 7.47 11.65 38.58
N SER B 113 7.23 12.90 38.17
CA SER B 113 6.96 13.19 36.76
C SER B 113 8.24 13.00 35.96
N SER B 114 8.08 12.79 34.65
CA SER B 114 9.14 12.15 33.85
C SER B 114 10.33 13.05 33.58
N LYS B 115 11.49 12.42 33.40
CA LYS B 115 12.73 13.13 33.11
C LYS B 115 13.20 12.98 31.63
N TYR B 116 13.05 11.78 31.10
CA TYR B 116 13.32 11.54 29.69
C TYR B 116 12.10 10.92 29.05
N GLU B 117 11.81 11.27 27.79
CA GLU B 117 10.84 10.53 27.00
C GLU B 117 11.59 9.93 25.86
N ILE B 118 11.52 8.62 25.70
CA ILE B 118 12.21 7.96 24.60
C ILE B 118 11.23 7.28 23.63
N MET B 119 11.25 7.71 22.35
CA MET B 119 10.35 7.14 21.32
C MET B 119 11.09 6.36 20.23
N VAL B 120 10.46 5.33 19.68
CA VAL B 120 11.02 4.64 18.55
C VAL B 120 9.94 4.63 17.45
N TRP B 121 10.17 5.42 16.42
CA TRP B 121 9.17 5.66 15.42
C TRP B 121 9.31 4.64 14.36
N LEU B 122 8.38 3.70 14.30
CA LEU B 122 8.33 2.76 13.18
C LEU B 122 7.88 3.39 11.82
N ALA B 123 7.23 4.58 11.90
CA ALA B 123 6.80 5.30 10.69
C ALA B 123 6.61 6.79 10.91
N ALA B 124 6.98 7.57 9.90
CA ALA B 124 6.63 9.03 9.83
C ALA B 124 5.91 9.38 8.51
N LEU B 125 4.59 9.48 8.53
CA LEU B 125 3.83 9.58 7.29
C LEU B 125 3.38 11.02 7.04
N GLY B 126 3.45 11.46 5.77
CA GLY B 126 2.85 12.71 5.32
C GLY B 126 3.28 13.99 6.02
N GLY B 127 4.49 14.00 6.56
CA GLY B 127 4.99 15.19 7.21
C GLY B 127 5.28 15.03 8.69
N ALA B 128 4.88 13.91 9.29
CA ALA B 128 5.03 13.79 10.73
C ALA B 128 6.51 13.76 11.14
N GLY B 129 6.83 14.42 12.26
CA GLY B 129 8.20 14.51 12.76
C GLY B 129 8.39 14.73 14.27
N PRO B 130 9.57 14.37 14.76
CA PRO B 130 9.84 14.41 16.17
C PRO B 130 10.23 15.80 16.63
N ILE B 131 10.17 16.01 17.95
CA ILE B 131 10.65 17.17 18.59
C ILE B 131 12.15 17.25 18.34
N SER B 132 12.62 18.48 18.07
CA SER B 132 14.00 18.75 17.69
C SER B 132 14.45 20.15 18.08
N SER B 133 15.66 20.25 18.59
CA SER B 133 16.33 21.53 18.73
C SER B 133 16.70 22.10 17.34
N THR B 134 17.64 21.42 16.66
CA THR B 134 18.24 21.92 15.40
C THR B 134 17.45 21.50 14.14
N GLY B 135 16.80 20.36 14.25
CA GLY B 135 16.10 19.80 13.12
C GLY B 135 16.97 18.73 12.50
N SER B 136 18.18 18.62 13.03
CA SER B 136 19.11 17.65 12.52
C SER B 136 19.32 16.51 13.49
N THR B 137 19.67 15.38 12.90
CA THR B 137 20.06 14.17 13.58
C THR B 137 21.18 14.45 14.58
N ILE B 138 21.11 13.83 15.77
CA ILE B 138 22.25 13.83 16.72
C ILE B 138 23.03 12.52 16.63
N ALA B 139 22.46 11.55 15.92
CA ALA B 139 23.13 10.29 15.60
C ALA B 139 22.23 9.47 14.68
N THR B 140 22.83 8.51 13.96
CA THR B 140 22.20 7.72 12.87
C THR B 140 22.33 6.22 13.16
N PRO B 141 22.06 5.80 14.40
CA PRO B 141 22.53 4.52 14.84
C PRO B 141 21.83 3.40 14.16
N THR B 142 22.49 2.25 14.14
CA THR B 142 21.93 0.99 13.69
C THR B 142 21.63 0.16 14.96
N ILE B 143 20.36 -0.12 15.22
CA ILE B 143 19.96 -0.82 16.47
C ILE B 143 18.85 -1.81 16.18
N ALA B 144 18.98 -3.04 16.68
CA ALA B 144 17.93 -4.00 16.54
C ALA B 144 17.56 -4.08 15.07
N GLY B 145 18.56 -4.38 14.24
CA GLY B 145 18.36 -4.67 12.82
C GLY B 145 17.63 -3.59 12.03
N VAL B 146 17.77 -2.35 12.46
CA VAL B 146 17.16 -1.23 11.75
C VAL B 146 18.13 -0.01 11.82
N ASN B 147 18.24 0.68 10.69
CA ASN B 147 18.94 1.93 10.63
C ASN B 147 18.01 3.07 11.06
N TRP B 148 18.33 3.70 12.19
CA TRP B 148 17.51 4.77 12.74
C TRP B 148 18.14 6.12 12.61
N LYS B 149 17.31 7.13 12.76
CA LYS B 149 17.77 8.48 12.88
C LYS B 149 17.35 8.96 14.28
N LEU B 150 18.29 9.51 15.06
CA LEU B 150 18.01 9.95 16.43
C LEU B 150 17.89 11.46 16.47
N TYR B 151 16.83 11.96 17.06
CA TYR B 151 16.68 13.38 17.30
C TYR B 151 16.50 13.60 18.81
N SER B 152 16.50 14.86 19.19
CA SER B 152 16.53 15.24 20.59
C SER B 152 15.96 16.66 20.75
N GLY B 153 15.15 16.87 21.77
CA GLY B 153 14.63 18.20 22.05
C GLY B 153 14.07 18.38 23.44
N PRO B 154 13.90 19.64 23.86
CA PRO B 154 13.30 19.91 25.16
C PRO B 154 11.80 19.83 25.13
N ASN B 155 11.28 19.23 26.19
CA ASN B 155 9.85 19.33 26.51
C ASN B 155 9.52 19.56 27.96
N GLY B 156 9.28 20.81 28.29
CA GLY B 156 9.19 21.16 29.68
C GLY B 156 10.47 20.65 30.31
N ASP B 157 10.34 19.97 31.45
CA ASP B 157 11.50 19.53 32.21
C ASP B 157 11.71 18.07 31.89
N THR B 158 11.88 17.79 30.60
CA THR B 158 12.01 16.44 30.04
C THR B 158 12.78 16.49 28.69
N THR B 159 13.86 15.72 28.57
CA THR B 159 14.56 15.63 27.28
C THR B 159 13.84 14.55 26.49
N VAL B 160 13.39 14.88 25.28
CA VAL B 160 12.75 13.88 24.45
C VAL B 160 13.74 13.33 23.42
N TYR B 161 13.97 12.02 23.48
CA TYR B 161 14.80 11.29 22.50
C TYR B 161 13.97 10.39 21.51
N SER B 162 14.02 10.71 20.23
CA SER B 162 13.21 9.96 19.25
C SER B 162 14.06 9.28 18.19
N PHE B 163 13.95 7.95 18.12
CA PHE B 163 14.55 7.12 17.07
C PHE B 163 13.55 6.90 15.93
N VAL B 164 13.83 7.47 14.76
CA VAL B 164 12.97 7.31 13.59
C VAL B 164 13.60 6.43 12.56
N ALA B 165 12.84 5.46 12.07
CA ALA B 165 13.30 4.55 11.02
C ALA B 165 13.54 5.32 9.71
N ASP B 166 14.65 4.97 9.02
CA ASP B 166 15.03 5.58 7.71
C ASP B 166 13.97 5.37 6.63
N SER B 167 13.23 4.27 6.75
CA SER B 167 12.08 3.94 5.91
C SER B 167 10.99 3.26 6.75
N THR B 168 9.77 3.32 6.24
CA THR B 168 8.59 2.80 6.94
C THR B 168 8.66 1.29 7.21
N THR B 169 8.68 0.93 8.50
CA THR B 169 8.81 -0.46 8.94
C THR B 169 7.45 -1.09 9.32
N GLU B 170 6.81 -1.79 8.38
CA GLU B 170 5.53 -2.44 8.69
C GLU B 170 5.70 -3.74 9.50
N SER B 171 6.90 -4.28 9.50
CA SER B 171 7.25 -5.44 10.32
C SER B 171 8.55 -5.19 11.15
N PHE B 172 8.44 -5.25 12.47
CA PHE B 172 9.58 -5.08 13.37
C PHE B 172 9.59 -6.10 14.56
N SER B 173 10.82 -6.47 14.94
CA SER B 173 11.09 -7.44 15.99
C SER B 173 12.46 -7.20 16.60
N GLY B 174 12.55 -7.21 17.93
CA GLY B 174 13.82 -7.08 18.66
C GLY B 174 13.76 -6.74 20.15
N ASP B 175 14.90 -6.32 20.69
CA ASP B 175 15.00 -6.00 22.09
C ASP B 175 14.96 -4.51 22.27
N LEU B 176 13.83 -3.99 22.72
CA LEU B 176 13.63 -2.52 22.94
C LEU B 176 14.60 -1.95 23.99
N ASN B 177 15.05 -2.79 24.94
CA ASN B 177 16.07 -2.35 25.90
C ASN B 177 17.29 -1.78 25.22
N ASP B 178 17.58 -2.24 24.03
CA ASP B 178 18.80 -1.82 23.36
C ASP B 178 18.83 -0.31 23.25
N PHE B 179 17.65 0.27 22.97
CA PHE B 179 17.49 1.72 22.72
C PHE B 179 17.79 2.52 23.95
N PHE B 180 17.43 1.95 25.11
CA PHE B 180 17.79 2.51 26.40
C PHE B 180 19.32 2.39 26.62
N THR B 181 19.82 1.14 26.58
CA THR B 181 21.25 0.85 26.74
C THR B 181 22.16 1.79 25.90
N TYR B 182 21.73 2.08 24.67
CA TYR B 182 22.45 2.99 23.78
C TYR B 182 22.42 4.41 24.30
N LEU B 183 21.25 4.86 24.76
CA LEU B 183 21.14 6.21 25.32
C LEU B 183 21.98 6.35 26.59
N VAL B 184 21.97 5.29 27.40
CA VAL B 184 22.74 5.28 28.66
C VAL B 184 24.24 5.38 28.41
N ASP B 185 24.70 4.72 27.34
CA ASP B 185 26.09 4.67 26.94
C ASP B 185 26.52 5.86 26.12
N ASN B 186 25.64 6.39 25.27
CA ASN B 186 26.02 7.50 24.37
C ASN B 186 25.43 8.89 24.64
N GLU B 187 24.35 8.98 25.42
CA GLU B 187 23.72 10.30 25.71
C GLU B 187 23.61 10.62 27.21
N GLY B 188 24.30 9.85 28.05
CA GLY B 188 24.38 10.12 29.49
C GLY B 188 23.08 10.02 30.26
N VAL B 189 22.22 9.08 29.88
CA VAL B 189 21.05 8.73 30.68
C VAL B 189 21.46 7.74 31.79
N SER B 190 21.06 8.03 33.02
CA SER B 190 21.42 7.26 34.19
C SER B 190 20.82 5.89 34.13
N ASP B 191 21.63 4.86 34.29
CA ASP B 191 21.10 3.51 34.37
C ASP B 191 20.22 3.28 35.58
N GLU B 192 20.15 4.23 36.50
CA GLU B 192 19.37 4.04 37.74
C GLU B 192 17.92 4.51 37.63
N LEU B 193 17.61 5.23 36.55
CA LEU B 193 16.28 5.77 36.32
C LEU B 193 15.25 4.67 36.16
N TYR B 194 14.01 4.95 36.54
CA TYR B 194 12.92 3.97 36.46
C TYR B 194 12.23 4.10 35.11
N LEU B 195 12.02 2.95 34.46
CA LEU B 195 11.10 2.82 33.33
C LEU B 195 9.67 2.76 33.85
N THR B 196 8.88 3.80 33.53
CA THR B 196 7.52 3.93 34.08
C THR B 196 6.43 3.60 33.05
N THR B 197 6.75 3.72 31.77
CA THR B 197 5.74 3.59 30.72
C THR B 197 6.27 3.00 29.44
N LEU B 198 5.43 2.19 28.81
CA LEU B 198 5.76 1.49 27.58
C LEU B 198 4.49 1.40 26.73
N GLU B 199 4.46 2.20 25.67
CA GLU B 199 3.25 2.39 24.89
C GLU B 199 3.59 2.31 23.41
N ALA B 200 2.70 1.66 22.64
CA ALA B 200 2.85 1.60 21.21
C ALA B 200 1.53 1.98 20.57
N GLY B 201 1.62 2.98 19.70
CA GLY B 201 0.48 3.74 19.32
C GLY B 201 0.78 4.53 18.09
N THR B 202 -0.11 5.48 17.82
CA THR B 202 -0.10 6.28 16.61
C THR B 202 -0.72 7.62 16.93
N GLU B 203 -0.09 8.67 16.46
CA GLU B 203 -0.59 10.02 16.65
C GLU B 203 -0.77 10.55 15.24
N PRO B 204 -2.02 10.80 14.84
CA PRO B 204 -2.31 11.47 13.59
C PRO B 204 -2.58 12.96 13.73
N PHE B 205 -2.33 13.70 12.68
CA PHE B 205 -2.72 15.09 12.62
C PHE B 205 -3.91 15.23 11.71
N THR B 206 -3.81 14.77 10.47
CA THR B 206 -4.87 15.01 9.46
C THR B 206 -4.90 13.86 8.47
N GLY B 207 -6.07 13.49 7.98
CA GLY B 207 -6.17 12.41 7.00
C GLY B 207 -7.60 12.02 6.72
N SER B 208 -7.79 11.08 5.81
CA SER B 208 -9.13 10.75 5.34
C SER B 208 -9.33 9.25 5.06
N ASN B 209 -10.32 8.65 5.73
CA ASN B 209 -10.61 7.22 5.62
C ASN B 209 -9.41 6.38 6.00
N ALA B 210 -8.83 6.70 7.15
CA ALA B 210 -7.64 6.03 7.63
C ALA B 210 -8.02 4.79 8.43
N LYS B 211 -7.08 3.85 8.46
CA LYS B 211 -7.19 2.73 9.35
C LYS B 211 -5.79 2.15 9.62
N LEU B 212 -5.42 2.17 10.89
CA LEU B 212 -4.19 1.56 11.32
C LEU B 212 -4.54 0.15 11.74
N THR B 213 -4.15 -0.84 10.96
CA THR B 213 -4.41 -2.25 11.30
C THR B 213 -3.17 -2.89 11.94
N VAL B 214 -3.15 -2.97 13.28
CA VAL B 214 -2.06 -3.62 13.98
C VAL B 214 -2.24 -5.13 14.08
N SER B 215 -1.76 -5.88 13.07
CA SER B 215 -2.04 -7.33 12.89
C SER B 215 -1.49 -8.26 13.96
N GLU B 216 -0.42 -7.82 14.66
CA GLU B 216 0.08 -8.41 15.91
C GLU B 216 1.04 -7.42 16.60
N TYR B 217 0.99 -7.40 17.94
CA TYR B 217 1.92 -6.60 18.76
C TYR B 217 2.13 -7.23 20.13
N SER B 218 3.40 -7.30 20.52
CA SER B 218 3.76 -8.05 21.69
C SER B 218 5.02 -7.49 22.29
N ILE B 219 5.00 -7.32 23.61
CA ILE B 219 6.10 -6.74 24.32
C ILE B 219 6.14 -7.29 25.74
N SER B 220 7.34 -7.44 26.30
CA SER B 220 7.60 -7.96 27.65
C SER B 220 8.82 -7.29 28.34
N ILE B 221 8.88 -7.44 29.65
CA ILE B 221 10.03 -7.00 30.40
C ILE B 221 10.64 -8.17 31.11
N GLU B 222 11.91 -8.47 30.79
CA GLU B 222 12.62 -9.57 31.41
C GLU B 222 13.69 -9.00 32.30
N ARG C 5 -9.51 -28.67 -53.71
CA ARG C 5 -10.11 -27.33 -53.44
C ARG C 5 -9.57 -26.75 -52.12
N PRO C 6 -9.62 -27.51 -51.00
CA PRO C 6 -9.07 -27.01 -49.77
C PRO C 6 -7.61 -27.36 -49.56
N SER C 7 -6.90 -26.46 -48.88
CA SER C 7 -5.48 -26.63 -48.58
C SER C 7 -5.25 -27.39 -47.28
N ALA C 8 -6.18 -27.27 -46.32
CA ALA C 8 -6.05 -27.90 -45.02
C ALA C 8 -7.36 -28.04 -44.28
N LEU C 9 -7.31 -28.65 -43.11
CA LEU C 9 -8.49 -28.96 -42.33
C LEU C 9 -8.20 -28.82 -40.85
N VAL C 10 -9.19 -28.34 -40.11
CA VAL C 10 -9.08 -28.18 -38.67
C VAL C 10 -10.14 -28.96 -37.90
N VAL C 11 -9.73 -29.59 -36.80
CA VAL C 11 -10.72 -30.25 -35.91
C VAL C 11 -10.39 -29.86 -34.47
N PRO C 12 -11.42 -29.70 -33.65
CA PRO C 12 -11.20 -29.25 -32.29
C PRO C 12 -10.79 -30.40 -31.43
N VAL C 13 -10.22 -30.12 -30.27
CA VAL C 13 -9.90 -31.17 -29.27
C VAL C 13 -10.06 -30.54 -27.90
N LYS C 14 -10.37 -31.35 -26.87
CA LYS C 14 -10.48 -30.90 -25.46
C LYS C 14 -10.07 -32.04 -24.54
N LYS C 15 -9.37 -31.72 -23.46
CA LYS C 15 -9.00 -32.75 -22.48
C LYS C 15 -10.22 -33.10 -21.69
N ASP C 16 -10.45 -34.41 -21.52
CA ASP C 16 -11.51 -34.90 -20.64
C ASP C 16 -10.96 -34.83 -19.23
N ALA C 17 -11.72 -34.25 -18.31
CA ALA C 17 -11.22 -34.05 -16.94
C ALA C 17 -11.04 -35.39 -16.22
N SER C 18 -12.04 -36.27 -16.30
CA SER C 18 -11.98 -37.50 -15.50
C SER C 18 -10.87 -38.46 -15.95
N THR C 19 -10.68 -38.62 -17.26
CA THR C 19 -9.72 -39.59 -17.80
C THR C 19 -8.40 -38.97 -18.23
N LEU C 20 -8.41 -37.67 -18.47
CA LEU C 20 -7.22 -36.95 -18.90
C LEU C 20 -6.84 -37.31 -20.35
N GLN C 21 -7.82 -37.64 -21.19
CA GLN C 21 -7.56 -37.90 -22.61
C GLN C 21 -8.22 -36.89 -23.53
N TYR C 22 -7.80 -36.93 -24.80
CA TYR C 22 -8.01 -35.81 -25.72
C TYR C 22 -9.09 -36.22 -26.62
N VAL C 23 -10.11 -35.35 -26.72
CA VAL C 23 -11.35 -35.67 -27.38
C VAL C 23 -11.64 -34.74 -28.56
N THR C 24 -11.63 -35.28 -29.79
CA THR C 24 -11.98 -34.54 -31.04
C THR C 24 -13.40 -34.81 -31.44
N THR C 25 -13.92 -33.92 -32.30
CA THR C 25 -15.24 -34.05 -32.95
C THR C 25 -15.11 -34.00 -34.48
N ILE C 26 -15.65 -35.01 -35.15
CA ILE C 26 -15.88 -35.02 -36.59
C ILE C 26 -17.38 -35.31 -36.82
N ASN C 27 -17.87 -34.90 -37.99
CA ASN C 27 -19.26 -35.14 -38.42
C ASN C 27 -19.26 -36.31 -39.40
N GLN C 28 -20.27 -37.15 -39.26
CA GLN C 28 -20.31 -38.44 -39.95
C GLN C 28 -21.77 -38.84 -40.21
N ARG C 29 -22.00 -39.62 -41.25
CA ARG C 29 -23.33 -40.18 -41.52
C ARG C 29 -24.24 -39.23 -42.26
N THR C 30 -25.26 -39.79 -42.90
CA THR C 30 -26.34 -39.01 -43.53
C THR C 30 -27.63 -39.45 -42.85
N PRO C 31 -28.37 -38.51 -42.21
CA PRO C 31 -28.03 -37.12 -41.93
C PRO C 31 -26.82 -36.99 -41.02
N LEU C 32 -26.10 -35.87 -41.15
CA LEU C 32 -24.85 -35.64 -40.43
C LEU C 32 -25.11 -35.67 -38.93
N VAL C 33 -24.34 -36.51 -38.23
CA VAL C 33 -24.32 -36.54 -36.77
C VAL C 33 -22.91 -36.07 -36.29
N SER C 34 -22.83 -35.54 -35.07
CA SER C 34 -21.60 -35.06 -34.49
C SER C 34 -21.02 -36.15 -33.60
N GLU C 35 -19.77 -36.54 -33.86
CA GLU C 35 -19.15 -37.68 -33.18
C GLU C 35 -17.97 -37.23 -32.33
N ASN C 36 -18.05 -37.36 -31.02
CA ASN C 36 -16.87 -37.14 -30.20
C ASN C 36 -15.99 -38.36 -30.19
N LEU C 37 -14.70 -38.19 -30.43
CA LEU C 37 -13.83 -39.35 -30.70
C LEU C 37 -12.53 -39.13 -29.99
N VAL C 38 -11.97 -40.17 -29.40
CA VAL C 38 -10.72 -40.07 -28.68
C VAL C 38 -9.57 -40.08 -29.67
N VAL C 39 -8.57 -39.26 -29.37
CA VAL C 39 -7.41 -39.07 -30.23
C VAL C 39 -6.31 -40.08 -29.86
N ASP C 40 -6.09 -41.06 -30.74
CA ASP C 40 -4.96 -42.00 -30.68
C ASP C 40 -3.95 -41.67 -31.80
N LEU C 41 -2.95 -40.87 -31.45
CA LEU C 41 -2.01 -40.43 -32.45
C LEU C 41 -1.55 -41.68 -33.23
N GLY C 42 -1.29 -42.77 -32.53
CA GLY C 42 -0.74 -43.97 -33.17
C GLY C 42 -1.74 -44.92 -33.79
N GLY C 43 -3.01 -44.53 -33.76
CA GLY C 43 -4.07 -45.44 -34.14
C GLY C 43 -3.99 -45.79 -35.61
N ARG C 44 -4.50 -46.98 -35.93
CA ARG C 44 -4.39 -47.49 -37.29
C ARG C 44 -5.55 -47.03 -38.15
N PHE C 45 -6.65 -46.61 -37.54
CA PHE C 45 -7.75 -46.01 -38.28
C PHE C 45 -8.84 -45.33 -37.42
N LEU C 46 -9.82 -44.73 -38.10
CA LEU C 46 -11.03 -44.27 -37.48
C LEU C 46 -11.95 -45.46 -37.23
N TRP C 47 -12.43 -45.59 -36.00
CA TRP C 47 -13.40 -46.64 -35.73
C TRP C 47 -14.50 -46.16 -34.86
N VAL C 48 -15.72 -46.55 -35.18
CA VAL C 48 -16.85 -46.01 -34.50
C VAL C 48 -17.68 -47.20 -34.10
N ASP C 49 -18.31 -47.07 -32.93
CA ASP C 49 -19.18 -48.10 -32.40
C ASP C 49 -20.40 -48.15 -33.33
N CYS C 50 -20.83 -49.34 -33.72
CA CYS C 50 -21.87 -49.53 -34.76
C CYS C 50 -23.18 -50.17 -34.30
N ASP C 51 -23.14 -51.03 -33.28
CA ASP C 51 -24.40 -51.72 -32.92
C ASP C 51 -25.41 -50.68 -32.48
N GLN C 52 -26.65 -50.90 -32.94
CA GLN C 52 -27.79 -50.01 -32.75
C GLN C 52 -27.44 -48.62 -33.25
N ASN C 53 -28.35 -47.66 -33.00
CA ASN C 53 -28.07 -46.20 -32.95
C ASN C 53 -27.09 -45.59 -33.94
N TYR C 54 -26.48 -46.37 -34.82
CA TYR C 54 -25.76 -45.86 -35.97
C TYR C 54 -26.73 -45.95 -37.13
N VAL C 55 -27.46 -44.87 -37.37
CA VAL C 55 -28.43 -44.81 -38.43
C VAL C 55 -27.93 -43.86 -39.53
N SER C 56 -27.65 -44.41 -40.70
CA SER C 56 -27.20 -43.63 -41.81
C SER C 56 -27.67 -44.22 -43.12
N SER C 57 -27.96 -43.36 -44.08
CA SER C 57 -28.40 -43.75 -45.41
C SER C 57 -27.23 -43.82 -46.41
N THR C 58 -26.03 -43.52 -45.92
CA THR C 58 -24.81 -43.51 -46.72
C THR C 58 -23.69 -44.44 -46.20
N TYR C 59 -24.03 -45.32 -45.25
CA TYR C 59 -23.17 -46.43 -44.83
C TYR C 59 -23.06 -47.49 -45.95
N ARG C 60 -21.87 -47.96 -46.18
CA ARG C 60 -21.62 -48.99 -47.18
C ARG C 60 -20.67 -50.01 -46.57
N PRO C 61 -21.11 -51.27 -46.47
CA PRO C 61 -20.14 -52.29 -46.07
C PRO C 61 -19.08 -52.42 -47.14
N VAL C 62 -17.82 -52.26 -46.77
CA VAL C 62 -16.73 -52.54 -47.68
C VAL C 62 -16.53 -54.06 -47.76
N ARG C 63 -16.43 -54.50 -49.01
CA ARG C 63 -16.44 -55.91 -49.37
C ARG C 63 -15.01 -56.32 -49.38
N CYS C 64 -14.79 -57.61 -49.18
CA CYS C 64 -13.47 -58.14 -49.23
C CYS C 64 -13.11 -58.38 -50.69
N ARG C 65 -11.82 -58.31 -51.00
CA ARG C 65 -11.32 -58.29 -52.39
C ARG C 65 -11.90 -57.11 -53.17
N THR C 66 -11.67 -55.94 -52.63
CA THR C 66 -11.81 -54.69 -53.34
C THR C 66 -10.62 -53.87 -52.96
N SER C 67 -10.37 -52.83 -53.74
CA SER C 67 -9.25 -51.96 -53.45
C SER C 67 -9.34 -51.39 -52.01
N GLN C 68 -10.54 -51.11 -51.52
CA GLN C 68 -10.71 -50.46 -50.23
C GLN C 68 -10.58 -51.40 -49.07
N CYS C 69 -10.68 -52.70 -49.34
CA CYS C 69 -10.39 -53.68 -48.32
C CYS C 69 -8.86 -53.77 -48.17
N SER C 70 -8.16 -53.82 -49.31
CA SER C 70 -6.70 -53.87 -49.32
C SER C 70 -6.00 -52.64 -48.75
N LEU C 71 -6.46 -51.44 -49.08
CA LEU C 71 -5.88 -50.18 -48.53
C LEU C 71 -6.05 -50.09 -47.02
N SER C 72 -7.01 -50.82 -46.47
CA SER C 72 -7.12 -51.00 -45.04
C SER C 72 -5.95 -51.89 -44.65
N GLY C 73 -5.93 -52.39 -43.42
CA GLY C 73 -4.99 -53.49 -43.06
C GLY C 73 -5.56 -54.91 -43.11
N SER C 74 -6.60 -55.11 -43.91
CA SER C 74 -7.39 -56.35 -43.89
C SER C 74 -6.53 -57.50 -44.23
N ILE C 75 -6.77 -58.63 -43.58
CA ILE C 75 -5.97 -59.81 -43.77
C ILE C 75 -6.79 -61.04 -44.10
N ALA C 76 -8.10 -60.98 -43.87
CA ALA C 76 -8.97 -62.09 -44.25
C ALA C 76 -10.42 -61.70 -44.48
N CYS C 77 -10.98 -62.17 -45.58
CA CYS C 77 -12.40 -62.02 -45.80
C CYS C 77 -13.11 -62.94 -44.83
N GLY C 78 -14.35 -62.66 -44.48
CA GLY C 78 -15.10 -63.66 -43.76
C GLY C 78 -15.37 -63.38 -42.32
N ASP C 79 -16.49 -63.90 -41.86
CA ASP C 79 -17.04 -63.66 -40.54
C ASP C 79 -18.05 -64.78 -40.37
N CYS C 80 -18.29 -65.24 -39.14
CA CYS C 80 -19.36 -66.19 -38.88
C CYS C 80 -20.28 -65.70 -37.76
N PHE C 81 -21.44 -65.19 -38.16
CA PHE C 81 -22.42 -64.62 -37.22
C PHE C 81 -22.77 -65.54 -36.05
N GLY C 87 -23.78 -70.41 -38.89
CA GLY C 87 -23.66 -69.87 -40.24
C GLY C 87 -22.49 -68.92 -40.42
N CYS C 88 -21.77 -69.05 -41.52
CA CYS C 88 -20.64 -68.16 -41.81
C CYS C 88 -20.97 -67.25 -43.00
N ASN C 89 -20.26 -66.12 -43.02
CA ASN C 89 -20.37 -65.11 -44.06
C ASN C 89 -19.09 -65.03 -44.89
N ASN C 90 -19.28 -64.78 -46.17
CA ASN C 90 -18.25 -64.97 -47.19
C ASN C 90 -17.28 -63.80 -47.29
N ASN C 91 -17.80 -62.55 -47.37
CA ASN C 91 -17.02 -61.39 -47.90
C ASN C 91 -16.96 -60.10 -47.06
N THR C 92 -17.19 -60.20 -45.75
CA THR C 92 -17.00 -59.04 -44.92
C THR C 92 -15.51 -58.86 -44.82
N CYS C 93 -15.07 -57.60 -44.94
CA CYS C 93 -13.65 -57.32 -45.07
C CYS C 93 -13.06 -57.83 -43.76
N GLY C 94 -13.07 -57.05 -42.69
CA GLY C 94 -12.63 -57.60 -41.40
C GLY C 94 -11.25 -57.12 -40.99
N VAL C 95 -11.20 -56.41 -39.86
CA VAL C 95 -9.97 -55.87 -39.26
C VAL C 95 -10.11 -55.93 -37.75
N PHE C 96 -9.24 -55.21 -37.02
CA PHE C 96 -9.16 -55.31 -35.55
C PHE C 96 -9.10 -53.98 -34.85
N PRO C 97 -10.24 -53.37 -34.55
CA PRO C 97 -10.23 -52.12 -33.79
C PRO C 97 -9.59 -52.28 -32.37
N GLU C 98 -8.71 -51.34 -32.00
CA GLU C 98 -7.91 -51.46 -30.79
C GLU C 98 -8.23 -50.32 -29.82
N ASN C 99 -8.70 -50.66 -28.62
CA ASN C 99 -8.67 -49.70 -27.52
C ASN C 99 -7.33 -49.88 -26.81
N PRO C 100 -6.45 -48.86 -26.86
CA PRO C 100 -5.15 -48.97 -26.20
C PRO C 100 -5.18 -48.64 -24.71
N VAL C 101 -6.22 -47.97 -24.22
CA VAL C 101 -6.29 -47.60 -22.79
C VAL C 101 -6.51 -48.84 -21.92
N ILE C 102 -7.11 -49.86 -22.52
CA ILE C 102 -7.38 -51.15 -21.87
C ILE C 102 -6.56 -52.29 -22.56
N ASN C 103 -5.61 -51.90 -23.42
CA ASN C 103 -4.75 -52.85 -24.13
C ASN C 103 -5.52 -53.96 -24.83
N THR C 104 -6.73 -53.64 -25.30
CA THR C 104 -7.67 -54.62 -25.87
C THR C 104 -7.91 -54.44 -27.36
N ALA C 105 -8.24 -55.54 -28.03
CA ALA C 105 -8.74 -55.56 -29.43
C ALA C 105 -9.92 -56.54 -29.66
N THR C 106 -10.69 -56.24 -30.70
CA THR C 106 -11.87 -57.01 -31.04
C THR C 106 -12.05 -57.08 -32.57
N GLY C 107 -13.05 -57.82 -33.06
CA GLY C 107 -13.22 -57.97 -34.49
C GLY C 107 -13.80 -56.69 -35.01
N GLY C 108 -13.53 -56.35 -36.28
CA GLY C 108 -14.12 -55.12 -36.89
C GLY C 108 -14.24 -55.16 -38.41
N GLU C 109 -15.36 -54.70 -38.95
CA GLU C 109 -15.59 -54.73 -40.39
C GLU C 109 -15.31 -53.36 -40.94
N VAL C 110 -14.63 -53.29 -42.09
CA VAL C 110 -14.31 -52.00 -42.72
C VAL C 110 -15.59 -51.49 -43.41
N ALA C 111 -15.69 -50.17 -43.50
CA ALA C 111 -16.91 -49.56 -43.96
C ALA C 111 -16.61 -48.14 -44.45
N GLU C 112 -17.49 -47.64 -45.32
CA GLU C 112 -17.47 -46.22 -45.67
C GLU C 112 -18.74 -45.56 -45.16
N ASP C 113 -18.62 -44.27 -44.87
CA ASP C 113 -19.76 -43.41 -44.65
C ASP C 113 -19.29 -41.97 -44.82
N VAL C 114 -20.22 -41.04 -44.96
CA VAL C 114 -19.85 -39.65 -45.20
C VAL C 114 -19.18 -39.09 -43.95
N VAL C 115 -18.05 -38.42 -44.11
CA VAL C 115 -17.40 -37.69 -43.02
C VAL C 115 -17.18 -36.26 -43.47
N SER C 116 -17.44 -35.27 -42.60
CA SER C 116 -17.18 -33.85 -42.94
C SER C 116 -16.65 -33.06 -41.74
N VAL C 117 -15.70 -32.19 -42.02
CA VAL C 117 -15.07 -31.36 -41.02
C VAL C 117 -14.76 -30.02 -41.66
N GLU C 118 -14.21 -29.09 -40.92
CA GLU C 118 -14.00 -27.75 -41.43
C GLU C 118 -12.70 -27.63 -42.17
N SER C 119 -12.74 -26.96 -43.34
CA SER C 119 -11.52 -26.53 -44.04
C SER C 119 -10.79 -25.40 -43.28
N THR C 120 -9.64 -25.00 -43.78
CA THR C 120 -8.90 -23.93 -43.13
C THR C 120 -7.83 -23.36 -44.03
N ASP C 121 -7.54 -22.07 -43.82
CA ASP C 121 -6.42 -21.39 -44.45
C ASP C 121 -5.17 -21.38 -43.52
N GLY C 122 -5.30 -21.97 -42.33
CA GLY C 122 -4.25 -21.97 -41.30
C GLY C 122 -4.44 -20.93 -40.19
N SER C 123 -5.24 -19.88 -40.48
CA SER C 123 -5.56 -18.83 -39.52
C SER C 123 -6.99 -18.91 -38.94
N SER C 124 -7.97 -19.44 -39.63
CA SER C 124 -9.30 -19.53 -39.04
C SER C 124 -10.13 -20.70 -39.62
N SER C 125 -11.37 -20.87 -39.18
CA SER C 125 -12.28 -21.93 -39.66
C SER C 125 -12.88 -21.60 -41.01
N GLY C 126 -12.72 -22.54 -41.93
CA GLY C 126 -13.26 -22.42 -43.29
C GLY C 126 -14.58 -23.15 -43.45
N ARG C 127 -15.09 -23.12 -44.69
CA ARG C 127 -16.33 -23.81 -45.06
C ARG C 127 -16.18 -25.33 -44.86
N VAL C 128 -17.28 -25.95 -44.44
CA VAL C 128 -17.38 -27.39 -44.33
C VAL C 128 -17.08 -28.06 -45.68
N VAL C 129 -16.16 -29.04 -45.64
CA VAL C 129 -15.87 -29.92 -46.77
C VAL C 129 -16.14 -31.36 -46.34
N THR C 130 -16.15 -32.28 -47.29
CA THR C 130 -16.68 -33.64 -47.08
C THR C 130 -15.94 -34.76 -47.83
N VAL C 131 -15.74 -35.88 -47.12
CA VAL C 131 -15.29 -37.15 -47.72
C VAL C 131 -16.49 -38.09 -47.77
N PRO C 132 -17.12 -38.23 -48.95
CA PRO C 132 -18.34 -39.03 -49.05
C PRO C 132 -18.18 -40.52 -48.68
N ARG C 133 -17.08 -41.16 -49.04
CA ARG C 133 -16.90 -42.57 -48.67
C ARG C 133 -15.65 -42.77 -47.80
N PHE C 134 -15.54 -42.02 -46.70
CA PHE C 134 -14.34 -42.12 -45.82
C PHE C 134 -14.28 -43.54 -45.26
N ILE C 135 -13.15 -44.21 -45.42
CA ILE C 135 -13.07 -45.60 -44.99
C ILE C 135 -12.79 -45.65 -43.49
N PHE C 136 -13.49 -46.54 -42.78
CA PHE C 136 -13.29 -46.68 -41.33
C PHE C 136 -13.79 -48.04 -40.81
N SER C 137 -13.71 -48.27 -39.51
CA SER C 137 -14.05 -49.58 -38.97
C SER C 137 -15.12 -49.54 -37.94
N CYS C 138 -16.07 -50.47 -38.03
CA CYS C 138 -17.04 -50.69 -36.93
C CYS C 138 -16.49 -51.51 -35.78
N ALA C 139 -17.16 -51.40 -34.66
CA ALA C 139 -16.68 -51.99 -33.44
C ALA C 139 -17.86 -52.10 -32.51
N PRO C 140 -17.81 -53.03 -31.54
CA PRO C 140 -18.89 -53.14 -30.57
C PRO C 140 -18.79 -52.09 -29.52
N THR C 141 -19.86 -51.89 -28.77
CA THR C 141 -19.84 -50.98 -27.64
C THR C 141 -18.78 -51.36 -26.62
N SER C 142 -18.57 -52.66 -26.44
CA SER C 142 -17.54 -53.16 -25.55
C SER C 142 -16.21 -52.39 -25.62
N LEU C 143 -15.78 -52.05 -26.83
CA LEU C 143 -14.45 -51.47 -27.04
C LEU C 143 -14.35 -50.00 -26.63
N LEU C 144 -15.43 -49.49 -26.03
CA LEU C 144 -15.44 -48.15 -25.46
C LEU C 144 -15.25 -48.21 -23.95
N GLN C 145 -14.84 -49.36 -23.45
CA GLN C 145 -14.56 -49.55 -22.03
C GLN C 145 -13.55 -48.49 -21.61
N ASN C 146 -13.78 -47.89 -20.46
CA ASN C 146 -12.84 -46.92 -19.90
C ASN C 146 -12.41 -45.82 -20.84
N LEU C 147 -13.28 -45.43 -21.79
CA LEU C 147 -13.07 -44.21 -22.63
C LEU C 147 -13.96 -43.03 -22.17
N ALA C 148 -13.45 -41.83 -22.27
CA ALA C 148 -14.13 -40.61 -21.79
C ALA C 148 -15.58 -40.56 -22.20
N SER C 149 -16.42 -40.05 -21.30
CA SER C 149 -17.85 -40.12 -21.51
C SER C 149 -18.33 -39.34 -22.71
N GLY C 150 -19.32 -39.90 -23.42
CA GLY C 150 -19.93 -39.26 -24.60
C GLY C 150 -19.27 -39.53 -25.95
N VAL C 151 -18.16 -40.30 -25.97
CA VAL C 151 -17.46 -40.61 -27.22
C VAL C 151 -17.99 -41.92 -27.88
N VAL C 152 -17.95 -41.95 -29.23
CA VAL C 152 -18.49 -43.06 -30.00
C VAL C 152 -17.39 -43.89 -30.71
N GLY C 153 -16.13 -43.55 -30.42
CA GLY C 153 -15.00 -44.27 -31.03
C GLY C 153 -13.61 -43.65 -30.87
N MET C 154 -12.81 -43.74 -31.94
CA MET C 154 -11.39 -43.39 -31.84
C MET C 154 -10.83 -42.88 -33.14
N ALA C 155 -10.17 -41.70 -33.04
CA ALA C 155 -9.54 -41.01 -34.15
C ALA C 155 -8.13 -41.52 -34.26
N GLY C 156 -7.85 -42.30 -35.28
CA GLY C 156 -6.54 -42.87 -35.52
C GLY C 156 -5.74 -42.02 -36.48
N LEU C 157 -4.55 -41.62 -36.01
CA LEU C 157 -3.63 -40.70 -36.70
C LEU C 157 -2.30 -41.33 -37.12
N GLY C 158 -2.14 -42.65 -36.90
CA GLY C 158 -0.98 -43.43 -37.27
C GLY C 158 -0.65 -43.38 -38.74
N ARG C 159 0.37 -44.13 -39.13
CA ARG C 159 0.92 -44.10 -40.51
C ARG C 159 0.27 -45.16 -41.47
N THR C 160 -1.02 -45.37 -41.34
CA THR C 160 -1.72 -46.17 -42.30
C THR C 160 -2.24 -45.26 -43.41
N ARG C 161 -2.87 -45.90 -44.39
CA ARG C 161 -3.45 -45.20 -45.53
C ARG C 161 -4.86 -44.72 -45.23
N ILE C 162 -5.63 -45.54 -44.53
CA ILE C 162 -6.96 -45.15 -44.16
C ILE C 162 -7.07 -44.35 -42.86
N ALA C 163 -5.97 -44.11 -42.14
CA ALA C 163 -6.00 -43.22 -40.94
C ALA C 163 -6.19 -41.79 -41.38
N LEU C 164 -6.64 -40.94 -40.49
CA LEU C 164 -7.12 -39.62 -40.94
C LEU C 164 -6.10 -38.84 -41.74
N PRO C 165 -4.85 -38.83 -41.30
CA PRO C 165 -3.91 -37.92 -41.94
C PRO C 165 -3.67 -38.22 -43.40
N SER C 166 -3.43 -39.47 -43.70
CA SER C 166 -3.19 -39.93 -45.06
C SER C 166 -4.46 -40.07 -45.90
N GLN C 167 -5.59 -40.33 -45.24
CA GLN C 167 -6.83 -40.55 -45.97
C GLN C 167 -7.45 -39.21 -46.37
N PHE C 168 -7.41 -38.22 -45.48
CA PHE C 168 -7.78 -36.88 -45.87
C PHE C 168 -6.83 -36.33 -46.96
N ALA C 169 -5.54 -36.47 -46.73
CA ALA C 169 -4.50 -36.04 -47.66
C ALA C 169 -4.77 -36.59 -49.05
N SER C 170 -4.97 -37.89 -49.12
CA SER C 170 -5.32 -38.52 -50.37
C SER C 170 -6.65 -37.96 -50.89
N ALA C 171 -7.62 -37.74 -50.02
CA ALA C 171 -8.99 -37.45 -50.48
C ALA C 171 -9.11 -36.05 -51.05
N PHE C 172 -8.45 -35.09 -50.40
CA PHE C 172 -8.47 -33.70 -50.85
C PHE C 172 -7.25 -33.31 -51.65
N SER C 173 -6.32 -34.25 -51.81
CA SER C 173 -5.11 -33.99 -52.58
C SER C 173 -4.31 -32.80 -52.01
N PHE C 174 -3.84 -32.96 -50.78
CA PHE C 174 -2.79 -32.11 -50.22
C PHE C 174 -1.75 -32.97 -49.48
N LYS C 175 -0.76 -32.34 -48.86
CA LYS C 175 0.43 -33.04 -48.35
C LYS C 175 0.12 -34.03 -47.19
N ARG C 176 0.71 -35.23 -47.27
CA ARG C 176 0.60 -36.23 -46.19
C ARG C 176 1.23 -35.65 -44.94
N LYS C 177 0.50 -34.80 -44.24
CA LYS C 177 1.03 -34.11 -43.07
C LYS C 177 -0.10 -33.61 -42.18
N PHE C 178 0.18 -33.49 -40.87
CA PHE C 178 -0.76 -32.84 -39.90
C PHE C 178 -0.09 -32.23 -38.72
N ALA C 179 -0.68 -31.18 -38.19
CA ALA C 179 -0.11 -30.51 -37.03
C ALA C 179 -1.09 -30.67 -35.88
N MET C 180 -0.61 -31.07 -34.74
CA MET C 180 -1.45 -31.32 -33.58
C MET C 180 -1.04 -30.42 -32.42
N CYS C 181 -1.99 -29.70 -31.87
CA CYS C 181 -1.72 -28.73 -30.81
C CYS C 181 -2.71 -29.00 -29.67
N LEU C 182 -2.30 -29.82 -28.72
CA LEU C 182 -3.14 -30.19 -27.59
C LEU C 182 -3.06 -29.18 -26.50
N SER C 183 -4.07 -29.18 -25.66
CA SER C 183 -4.20 -28.26 -24.57
C SER C 183 -4.66 -29.01 -23.29
N GLY C 184 -4.22 -28.50 -22.12
CA GLY C 184 -4.73 -28.95 -20.83
C GLY C 184 -6.20 -28.54 -20.59
N SER C 185 -6.62 -27.46 -21.23
CA SER C 185 -7.93 -26.90 -20.95
C SER C 185 -9.05 -27.88 -21.19
N THR C 186 -9.81 -28.14 -20.16
CA THR C 186 -11.13 -28.78 -20.30
C THR C 186 -12.21 -27.77 -20.77
N SER C 187 -11.92 -26.47 -20.70
CA SER C 187 -12.90 -25.43 -21.04
C SER C 187 -12.96 -25.16 -22.56
N SER C 188 -11.83 -24.78 -23.14
CA SER C 188 -11.79 -24.27 -24.49
C SER C 188 -11.30 -25.34 -25.47
N ASN C 189 -11.62 -25.14 -26.74
CA ASN C 189 -11.13 -26.05 -27.77
C ASN C 189 -9.70 -25.72 -28.08
N SER C 190 -8.88 -26.76 -28.21
CA SER C 190 -7.62 -26.70 -28.92
C SER C 190 -7.84 -27.42 -30.24
N VAL C 191 -6.82 -27.48 -31.09
CA VAL C 191 -7.00 -27.91 -32.47
C VAL C 191 -6.01 -28.97 -32.92
N ILE C 192 -6.45 -29.77 -33.87
CA ILE C 192 -5.54 -30.44 -34.76
C ILE C 192 -5.80 -29.94 -36.18
N ILE C 193 -4.72 -29.71 -36.93
CA ILE C 193 -4.83 -29.22 -38.30
C ILE C 193 -4.22 -30.22 -39.28
N PHE C 194 -5.06 -30.70 -40.21
CA PHE C 194 -4.64 -31.62 -41.23
C PHE C 194 -4.25 -30.81 -42.48
N GLY C 195 -3.07 -31.08 -43.06
CA GLY C 195 -2.66 -30.46 -44.32
C GLY C 195 -1.54 -29.41 -44.23
N ASN C 196 -1.61 -28.48 -45.17
CA ASN C 196 -0.63 -27.41 -45.32
C ASN C 196 -0.45 -26.36 -44.20
N ASP C 197 0.83 -25.98 -44.04
CA ASP C 197 1.36 -24.83 -43.25
C ASP C 197 0.82 -23.51 -43.83
N PRO C 198 1.08 -22.38 -43.15
CA PRO C 198 1.55 -22.16 -41.78
C PRO C 198 0.37 -22.08 -40.82
N TYR C 199 0.62 -22.23 -39.54
CA TYR C 199 -0.46 -22.25 -38.56
C TYR C 199 -0.39 -20.92 -37.80
N THR C 200 -1.54 -20.29 -37.58
CA THR C 200 -1.58 -19.03 -36.86
C THR C 200 -2.33 -19.19 -35.55
N PHE C 201 -1.71 -18.82 -34.43
CA PHE C 201 -2.40 -18.85 -33.12
C PHE C 201 -2.48 -17.43 -32.57
N LEU C 202 -3.69 -17.04 -32.13
CA LEU C 202 -3.97 -15.63 -31.77
C LEU C 202 -3.18 -15.11 -30.56
N PRO C 203 -2.88 -13.81 -30.50
CA PRO C 203 -3.25 -12.76 -31.46
C PRO C 203 -2.58 -12.89 -32.82
N ASN C 204 -1.28 -13.16 -32.87
CA ASN C 204 -0.59 -13.25 -34.18
C ASN C 204 0.71 -14.05 -34.12
N ILE C 205 0.65 -15.23 -33.54
CA ILE C 205 1.77 -16.14 -33.53
C ILE C 205 1.69 -17.08 -34.75
N ILE C 206 2.64 -16.91 -35.69
CA ILE C 206 2.71 -17.71 -36.93
C ILE C 206 3.75 -18.81 -36.83
N VAL C 207 3.29 -20.03 -36.54
CA VAL C 207 4.14 -21.24 -36.48
C VAL C 207 4.20 -21.87 -37.87
N SER C 208 5.41 -22.16 -38.31
CA SER C 208 5.65 -22.52 -39.72
C SER C 208 6.83 -23.45 -39.88
N ASP C 209 6.91 -24.10 -41.03
CA ASP C 209 8.07 -24.96 -41.35
C ASP C 209 9.42 -24.25 -41.18
N LYS C 210 9.52 -22.99 -41.61
CA LYS C 210 10.69 -22.15 -41.34
C LYS C 210 10.98 -21.95 -39.84
N THR C 211 9.93 -21.99 -39.01
CA THR C 211 9.98 -21.79 -37.56
C THR C 211 10.29 -23.02 -36.73
N LEU C 212 9.77 -24.18 -37.15
CA LEU C 212 9.82 -25.37 -36.30
C LEU C 212 11.22 -25.99 -36.32
N THR C 213 11.49 -26.80 -35.29
CA THR C 213 12.70 -27.62 -35.16
C THR C 213 12.41 -29.08 -35.49
N TYR C 214 13.06 -29.57 -36.54
CA TYR C 214 12.82 -30.91 -37.08
C TYR C 214 13.80 -31.98 -36.61
N THR C 215 13.26 -33.17 -36.40
CA THR C 215 14.03 -34.38 -36.11
C THR C 215 13.46 -35.57 -36.94
N PRO C 216 14.32 -36.41 -37.52
CA PRO C 216 13.85 -37.57 -38.29
C PRO C 216 12.84 -38.45 -37.57
N LEU C 217 11.96 -39.01 -38.38
CA LEU C 217 10.86 -39.77 -37.84
C LEU C 217 11.24 -41.22 -38.00
N LEU C 218 11.60 -41.84 -36.89
CA LEU C 218 12.10 -43.22 -36.94
C LEU C 218 10.95 -44.25 -37.07
N THR C 219 11.27 -45.34 -37.76
CA THR C 219 10.33 -46.43 -37.92
C THR C 219 10.85 -47.67 -37.21
N ASN C 220 10.13 -48.09 -36.17
CA ASN C 220 10.33 -49.38 -35.52
C ASN C 220 9.78 -50.51 -36.36
N PRO C 221 10.67 -51.31 -36.96
CA PRO C 221 10.31 -52.43 -37.87
C PRO C 221 9.50 -53.59 -37.29
N VAL C 222 9.23 -53.58 -35.98
CA VAL C 222 8.35 -54.56 -35.34
C VAL C 222 7.23 -53.87 -34.54
N SER C 223 6.02 -54.41 -34.64
CA SER C 223 4.85 -53.78 -34.06
C SER C 223 4.73 -53.99 -32.57
N THR C 224 3.90 -53.15 -31.96
CA THR C 224 3.77 -52.97 -30.49
C THR C 224 2.51 -53.70 -29.97
N SER C 225 1.84 -54.43 -30.86
CA SER C 225 0.66 -55.21 -30.49
C SER C 225 0.81 -56.66 -30.95
N ALA C 226 -0.20 -57.46 -30.62
CA ALA C 226 -0.28 -58.87 -31.00
C ALA C 226 -1.22 -59.06 -32.19
N THR C 227 -2.25 -58.23 -32.31
CA THR C 227 -3.25 -58.37 -33.41
C THR C 227 -2.73 -58.04 -34.85
N SER C 228 -1.47 -57.63 -34.99
CA SER C 228 -0.84 -57.49 -36.31
C SER C 228 -0.21 -58.82 -36.80
N THR C 229 0.14 -58.86 -38.09
CA THR C 229 0.68 -60.08 -38.71
C THR C 229 2.09 -60.40 -38.20
N GLN C 230 3.09 -60.11 -39.00
CA GLN C 230 4.41 -60.67 -38.81
C GLN C 230 5.38 -59.70 -39.50
N GLY C 231 5.39 -59.72 -40.83
CA GLY C 231 6.24 -58.81 -41.56
C GLY C 231 6.03 -57.36 -41.22
N GLU C 232 4.82 -57.01 -40.76
CA GLU C 232 4.38 -55.59 -40.64
C GLU C 232 4.96 -54.77 -39.47
N PRO C 233 5.47 -53.56 -39.78
CA PRO C 233 6.08 -52.72 -38.74
C PRO C 233 5.08 -52.06 -37.81
N SER C 234 5.61 -51.34 -36.82
CA SER C 234 4.77 -50.48 -35.96
C SER C 234 4.34 -49.34 -36.82
N VAL C 235 3.10 -48.90 -36.66
CA VAL C 235 2.61 -47.83 -37.49
C VAL C 235 2.60 -46.50 -36.68
N GLU C 236 3.35 -46.49 -35.57
CA GLU C 236 3.37 -45.38 -34.60
C GLU C 236 4.55 -44.43 -34.78
N TYR C 237 4.59 -43.36 -33.99
CA TYR C 237 5.64 -42.34 -34.19
C TYR C 237 6.78 -42.30 -33.17
N PHE C 238 8.00 -42.52 -33.66
CA PHE C 238 9.20 -42.68 -32.84
C PHE C 238 10.21 -41.67 -33.25
N ILE C 239 10.97 -41.15 -32.27
CA ILE C 239 12.02 -40.18 -32.56
C ILE C 239 13.35 -40.37 -31.80
N GLY C 240 14.46 -40.01 -32.44
CA GLY C 240 15.78 -40.39 -31.90
C GLY C 240 16.38 -39.57 -30.75
N VAL C 241 15.98 -39.89 -29.51
CA VAL C 241 16.54 -39.30 -28.27
C VAL C 241 17.93 -39.84 -28.09
N LYS C 242 18.93 -38.97 -28.04
CA LYS C 242 20.34 -39.39 -27.90
C LYS C 242 20.82 -39.29 -26.45
N SER C 243 20.38 -38.25 -25.75
CA SER C 243 20.74 -38.00 -24.36
C SER C 243 19.72 -37.10 -23.66
N ILE C 244 19.59 -37.26 -22.33
CA ILE C 244 18.71 -36.37 -21.55
C ILE C 244 19.57 -35.47 -20.70
N LYS C 245 19.32 -34.16 -20.79
CA LYS C 245 19.95 -33.18 -19.92
C LYS C 245 18.91 -32.60 -18.96
N ILE C 246 19.35 -32.28 -17.75
CA ILE C 246 18.53 -31.60 -16.75
C ILE C 246 19.34 -30.42 -16.21
N ASN C 247 19.04 -29.22 -16.70
CA ASN C 247 19.80 -28.03 -16.37
C ASN C 247 21.20 -28.13 -16.96
N SER C 248 21.29 -28.81 -18.11
CA SER C 248 22.51 -28.88 -18.92
C SER C 248 23.62 -29.73 -18.29
N LYS C 249 23.22 -30.60 -17.37
CA LYS C 249 24.09 -31.67 -16.90
C LYS C 249 23.49 -33.00 -17.41
N ILE C 250 24.31 -33.81 -18.10
CA ILE C 250 23.85 -35.09 -18.64
C ILE C 250 23.49 -36.07 -17.50
N VAL C 251 22.30 -36.68 -17.60
CA VAL C 251 21.84 -37.67 -16.63
C VAL C 251 22.50 -39.00 -16.95
N ALA C 252 23.11 -39.63 -15.95
CA ALA C 252 23.84 -40.91 -16.15
C ALA C 252 22.90 -42.06 -16.61
N LEU C 253 22.87 -42.30 -17.93
CA LEU C 253 21.91 -43.20 -18.62
C LEU C 253 22.51 -44.51 -19.15
N ASN C 254 21.63 -45.49 -19.39
CA ASN C 254 21.96 -46.63 -20.26
C ASN C 254 21.71 -46.27 -21.73
N THR C 255 22.71 -45.64 -22.38
CA THR C 255 22.60 -45.25 -23.78
C THR C 255 22.65 -46.53 -24.63
N SER C 256 21.52 -47.24 -24.64
CA SER C 256 21.35 -48.49 -25.41
C SER C 256 19.86 -48.79 -25.47
N LEU C 257 19.18 -48.55 -24.34
CA LEU C 257 17.72 -48.43 -24.31
C LEU C 257 17.18 -47.37 -25.28
N LEU C 258 17.96 -46.32 -25.56
CA LEU C 258 17.50 -45.19 -26.38
C LEU C 258 17.59 -45.50 -27.86
N SER C 259 17.54 -46.77 -28.22
CA SER C 259 17.67 -47.14 -29.62
C SER C 259 16.77 -48.34 -29.90
N ILE C 260 16.11 -48.33 -31.06
CA ILE C 260 15.24 -49.44 -31.46
C ILE C 260 16.14 -50.61 -31.82
N SER C 261 15.85 -51.78 -31.26
CA SER C 261 16.70 -52.97 -31.42
C SER C 261 16.31 -53.71 -32.69
N SER C 262 16.98 -54.83 -32.96
CA SER C 262 16.49 -55.75 -34.01
C SER C 262 15.07 -56.26 -33.62
N ALA C 263 14.91 -56.55 -32.33
CA ALA C 263 13.66 -57.08 -31.79
C ALA C 263 12.55 -56.06 -31.67
N GLY C 264 12.87 -54.80 -31.91
CA GLY C 264 11.90 -53.73 -31.84
C GLY C 264 11.59 -53.29 -30.41
N LEU C 265 12.44 -53.66 -29.47
CA LEU C 265 12.37 -53.08 -28.13
C LEU C 265 13.16 -51.74 -28.04
N GLY C 266 12.77 -50.87 -27.12
CA GLY C 266 13.51 -49.63 -26.83
C GLY C 266 13.03 -48.39 -27.57
N GLY C 267 13.75 -47.28 -27.39
CA GLY C 267 13.50 -46.01 -28.09
C GLY C 267 12.50 -45.05 -27.46
N THR C 268 12.13 -44.01 -28.21
CA THR C 268 11.13 -43.04 -27.77
C THR C 268 10.04 -42.91 -28.81
N LYS C 269 8.79 -43.02 -28.34
CA LYS C 269 7.61 -42.81 -29.19
C LYS C 269 6.76 -41.69 -28.61
N ILE C 270 5.83 -41.17 -29.42
CA ILE C 270 4.88 -40.19 -28.98
C ILE C 270 3.48 -40.80 -29.06
N SER C 271 2.78 -40.81 -27.92
CA SER C 271 1.41 -41.18 -27.89
C SER C 271 0.61 -40.13 -27.18
N THR C 272 -0.70 -40.17 -27.40
CA THR C 272 -1.64 -39.33 -26.72
C THR C 272 -2.55 -40.10 -25.77
N ILE C 273 -2.34 -41.40 -25.64
CA ILE C 273 -3.20 -42.23 -24.79
C ILE C 273 -2.63 -42.32 -23.37
N ASN C 274 -1.34 -42.03 -23.23
CA ASN C 274 -0.68 -41.91 -21.94
C ASN C 274 -0.57 -40.43 -21.55
N PRO C 275 -1.21 -40.03 -20.42
CA PRO C 275 -1.25 -38.62 -20.05
C PRO C 275 0.00 -38.11 -19.37
N TYR C 276 0.86 -39.02 -18.95
CA TYR C 276 2.14 -38.63 -18.39
C TYR C 276 3.24 -39.43 -19.07
N THR C 277 4.35 -38.78 -19.38
CA THR C 277 5.45 -39.41 -20.09
C THR C 277 5.96 -40.60 -19.28
N VAL C 278 5.92 -41.82 -19.84
CA VAL C 278 6.33 -43.05 -19.12
C VAL C 278 7.81 -43.33 -19.25
N LEU C 279 8.47 -43.58 -18.13
CA LEU C 279 9.88 -43.95 -18.14
C LEU C 279 10.13 -45.31 -17.47
N GLU C 280 11.07 -46.09 -18.02
CA GLU C 280 11.20 -47.54 -17.75
C GLU C 280 11.58 -47.89 -16.30
N THR C 281 12.84 -47.73 -15.95
CA THR C 281 13.29 -47.93 -14.58
C THR C 281 14.63 -47.28 -14.54
N SER C 282 15.58 -47.83 -15.30
CA SER C 282 16.95 -47.29 -15.36
C SER C 282 16.93 -45.82 -15.74
N ILE C 283 15.87 -45.42 -16.44
CA ILE C 283 15.69 -44.04 -16.84
C ILE C 283 14.89 -43.32 -15.78
N TYR C 284 13.71 -43.88 -15.46
CA TYR C 284 12.82 -43.27 -14.47
C TYR C 284 13.58 -42.89 -13.20
N LYS C 285 14.41 -43.82 -12.71
CA LYS C 285 15.25 -43.55 -11.57
C LYS C 285 16.24 -42.42 -11.90
N ALA C 286 17.05 -42.57 -12.94
CA ALA C 286 18.05 -41.54 -13.24
C ALA C 286 17.44 -40.13 -13.41
N VAL C 287 16.38 -40.04 -14.24
CA VAL C 287 15.77 -38.73 -14.52
C VAL C 287 15.20 -38.10 -13.26
N THR C 288 14.36 -38.88 -12.57
CA THR C 288 13.75 -38.47 -11.31
C THR C 288 14.80 -37.98 -10.28
N GLU C 289 15.87 -38.75 -10.10
CA GLU C 289 16.87 -38.44 -9.07
C GLU C 289 17.65 -37.18 -9.40
N ALA C 290 18.18 -37.12 -10.63
CA ALA C 290 18.98 -35.94 -10.98
C ALA C 290 18.06 -34.67 -11.07
N PHE C 291 16.79 -34.88 -11.41
CA PHE C 291 15.83 -33.79 -11.34
C PHE C 291 15.70 -33.22 -9.92
N ILE C 292 15.52 -34.13 -8.96
CA ILE C 292 15.39 -33.79 -7.55
C ILE C 292 16.61 -33.02 -7.07
N LYS C 293 17.78 -33.40 -7.56
CA LYS C 293 19.04 -32.84 -7.06
C LYS C 293 19.25 -31.43 -7.55
N GLU C 294 18.99 -31.20 -8.83
CA GLU C 294 19.14 -29.88 -9.43
C GLU C 294 18.02 -28.97 -8.92
N SER C 295 16.88 -29.59 -8.61
CA SER C 295 15.74 -28.90 -8.02
C SER C 295 16.09 -28.37 -6.62
N ALA C 296 16.73 -29.21 -5.81
CA ALA C 296 17.19 -28.82 -4.49
C ALA C 296 18.35 -27.83 -4.56
N ALA C 297 19.02 -27.75 -5.71
CA ALA C 297 20.17 -26.85 -5.89
C ALA C 297 19.73 -25.39 -5.92
N ARG C 298 18.45 -25.16 -6.21
CA ARG C 298 17.90 -23.82 -6.11
C ARG C 298 16.82 -23.72 -5.05
N ASN C 299 17.03 -24.43 -3.94
CA ASN C 299 16.15 -24.35 -2.76
C ASN C 299 14.69 -24.75 -3.00
N ILE C 300 14.48 -25.72 -3.90
CA ILE C 300 13.16 -26.29 -4.13
C ILE C 300 13.16 -27.71 -3.58
N THR C 301 12.43 -27.92 -2.50
CA THR C 301 12.62 -29.10 -1.67
C THR C 301 11.50 -30.13 -1.87
N ARG C 302 11.88 -31.40 -1.79
CA ARG C 302 10.97 -32.53 -1.97
C ARG C 302 9.91 -32.64 -0.86
N VAL C 303 8.68 -32.90 -1.28
CA VAL C 303 7.57 -33.17 -0.38
C VAL C 303 6.90 -34.51 -0.73
N ALA C 304 6.04 -34.99 0.17
CA ALA C 304 5.38 -36.29 0.03
C ALA C 304 4.86 -36.47 -1.39
N SER C 305 5.18 -37.61 -2.00
CA SER C 305 4.61 -37.98 -3.30
C SER C 305 3.11 -38.22 -3.20
N VAL C 306 2.44 -38.13 -4.35
CA VAL C 306 0.99 -38.27 -4.44
C VAL C 306 0.68 -39.09 -5.68
N ALA C 307 -0.46 -39.77 -5.67
CA ALA C 307 -0.90 -40.48 -6.87
C ALA C 307 -0.99 -39.50 -8.07
N PRO C 308 -0.53 -39.93 -9.28
CA PRO C 308 0.24 -41.13 -9.58
C PRO C 308 1.75 -40.87 -9.76
N PHE C 309 2.29 -39.92 -9.00
CA PHE C 309 3.67 -39.43 -9.17
C PHE C 309 4.56 -39.87 -8.05
N GLY C 310 5.85 -40.05 -8.36
CA GLY C 310 6.86 -40.41 -7.33
C GLY C 310 7.87 -39.32 -7.02
N ALA C 311 7.51 -38.07 -7.32
CA ALA C 311 8.37 -36.93 -7.05
C ALA C 311 7.52 -35.67 -7.04
N CYS C 312 7.32 -35.16 -5.84
CA CYS C 312 6.50 -33.96 -5.60
C CYS C 312 7.25 -32.93 -4.75
N PHE C 313 6.95 -31.66 -4.96
CA PHE C 313 7.82 -30.56 -4.53
C PHE C 313 7.02 -29.44 -3.84
N SER C 314 7.65 -28.74 -2.89
CA SER C 314 7.04 -27.54 -2.29
C SER C 314 7.09 -26.31 -3.22
N THR C 315 6.00 -25.55 -3.21
CA THR C 315 5.94 -24.26 -3.91
C THR C 315 6.45 -23.04 -3.07
N ASP C 316 7.42 -23.25 -2.17
CA ASP C 316 7.98 -22.14 -1.36
C ASP C 316 8.98 -21.27 -2.14
N ASN C 317 9.98 -21.87 -2.77
CA ASN C 317 10.87 -21.14 -3.71
C ASN C 317 10.60 -21.49 -5.18
N ILE C 318 9.33 -21.66 -5.53
CA ILE C 318 8.93 -22.00 -6.87
C ILE C 318 8.37 -20.72 -7.48
N LEU C 319 9.18 -20.07 -8.32
CA LEU C 319 8.79 -18.82 -8.97
C LEU C 319 7.87 -19.14 -10.18
N SER C 320 6.74 -18.44 -10.29
CA SER C 320 5.96 -18.54 -11.52
C SER C 320 6.66 -17.76 -12.63
N THR C 321 6.97 -18.44 -13.71
CA THR C 321 7.38 -17.77 -14.93
C THR C 321 6.33 -17.97 -16.04
N ARG C 322 6.59 -17.35 -17.18
CA ARG C 322 5.73 -17.45 -18.33
C ARG C 322 5.83 -18.83 -18.90
N LEU C 323 7.03 -19.44 -18.77
CA LEU C 323 7.28 -20.82 -19.21
C LEU C 323 6.97 -21.83 -18.09
N GLY C 324 6.38 -21.39 -16.98
CA GLY C 324 5.95 -22.31 -15.92
C GLY C 324 6.84 -22.23 -14.71
N PRO C 325 6.60 -23.08 -13.73
CA PRO C 325 7.26 -22.86 -12.48
C PRO C 325 8.75 -23.07 -12.63
N SER C 326 9.54 -22.19 -12.03
CA SER C 326 11.00 -22.13 -12.19
C SER C 326 11.72 -23.42 -11.80
N VAL C 327 11.51 -24.47 -12.60
CA VAL C 327 12.13 -25.77 -12.41
C VAL C 327 13.23 -25.97 -13.46
N PRO C 328 14.29 -26.73 -13.12
CA PRO C 328 15.32 -27.01 -14.12
C PRO C 328 14.72 -27.71 -15.34
N SER C 329 15.13 -27.27 -16.52
CA SER C 329 14.59 -27.76 -17.78
C SER C 329 15.10 -29.16 -18.15
N ILE C 330 14.18 -30.12 -18.28
CA ILE C 330 14.51 -31.44 -18.86
C ILE C 330 14.65 -31.28 -20.36
N ASP C 331 15.87 -31.39 -20.90
CA ASP C 331 16.13 -31.29 -22.35
C ASP C 331 16.37 -32.66 -22.99
N LEU C 332 15.54 -33.02 -23.96
CA LEU C 332 15.73 -34.26 -24.72
C LEU C 332 16.60 -33.91 -25.94
N VAL C 333 17.83 -34.41 -25.98
CA VAL C 333 18.80 -34.01 -27.00
C VAL C 333 18.75 -35.07 -28.10
N LEU C 334 18.45 -34.65 -29.32
CA LEU C 334 18.13 -35.58 -30.41
C LEU C 334 19.36 -35.91 -31.29
N GLN C 335 19.21 -35.81 -32.61
CA GLN C 335 20.24 -36.28 -33.56
C GLN C 335 21.54 -35.48 -33.43
N SER C 336 21.43 -34.23 -33.01
CA SER C 336 22.60 -33.37 -32.75
C SER C 336 22.60 -32.93 -31.31
N GLU C 337 23.76 -32.46 -30.84
CA GLU C 337 23.87 -31.92 -29.48
C GLU C 337 23.01 -30.64 -29.29
N SER C 338 22.84 -29.89 -30.36
CA SER C 338 22.12 -28.61 -30.32
C SER C 338 20.60 -28.70 -30.63
N VAL C 339 20.16 -29.70 -31.42
CA VAL C 339 18.73 -29.95 -31.69
C VAL C 339 18.02 -30.59 -30.47
N VAL C 340 17.23 -29.80 -29.74
CA VAL C 340 16.72 -30.18 -28.44
C VAL C 340 15.21 -29.98 -28.32
N TRP C 341 14.57 -30.93 -27.64
CA TRP C 341 13.21 -30.82 -27.16
C TRP C 341 13.32 -30.34 -25.72
N THR C 342 13.22 -29.01 -25.55
CA THR C 342 13.19 -28.37 -24.24
C THR C 342 11.82 -28.62 -23.65
N ILE C 343 11.77 -29.06 -22.40
CA ILE C 343 10.51 -29.10 -21.63
C ILE C 343 10.69 -28.16 -20.41
N THR C 344 9.74 -27.25 -20.21
CA THR C 344 9.76 -26.30 -19.08
C THR C 344 8.65 -26.73 -18.14
N GLY C 345 8.63 -26.17 -16.94
CA GLY C 345 7.70 -26.63 -15.90
C GLY C 345 6.23 -26.78 -16.26
N SER C 346 5.77 -25.99 -17.22
CA SER C 346 4.40 -26.10 -17.71
C SER C 346 4.17 -27.46 -18.31
N ASN C 347 5.22 -28.03 -18.90
CA ASN C 347 5.19 -29.38 -19.49
C ASN C 347 5.88 -30.45 -18.63
N SER C 348 6.60 -30.06 -17.59
CA SER C 348 7.20 -31.08 -16.71
C SER C 348 6.38 -31.23 -15.42
N MET C 349 5.89 -30.12 -14.87
CA MET C 349 5.25 -30.14 -13.58
C MET C 349 3.72 -30.06 -13.67
N VAL C 350 3.07 -30.53 -12.61
CA VAL C 350 1.64 -30.62 -12.55
C VAL C 350 1.23 -30.07 -11.20
N TYR C 351 0.41 -29.02 -11.17
CA TYR C 351 -0.10 -28.49 -9.89
C TYR C 351 -1.18 -29.43 -9.31
N ILE C 352 -1.04 -29.76 -8.02
CA ILE C 352 -2.04 -30.54 -7.26
C ILE C 352 -2.89 -29.61 -6.34
N ASN C 353 -2.24 -28.71 -5.62
CA ASN C 353 -2.90 -27.55 -5.03
C ASN C 353 -1.97 -26.31 -5.08
N ASP C 354 -2.31 -25.23 -4.40
CA ASP C 354 -1.42 -24.06 -4.25
C ASP C 354 -0.02 -24.39 -3.70
N ASN C 355 0.05 -25.31 -2.74
CA ASN C 355 1.25 -25.54 -1.93
C ASN C 355 2.18 -26.67 -2.40
N VAL C 356 1.73 -27.49 -3.36
CA VAL C 356 2.52 -28.64 -3.81
C VAL C 356 2.45 -28.82 -5.34
N VAL C 357 3.53 -29.31 -5.95
CA VAL C 357 3.59 -29.52 -7.41
C VAL C 357 4.47 -30.73 -7.80
N CYS C 358 3.92 -31.68 -8.56
CA CYS C 358 4.59 -32.96 -8.82
C CYS C 358 5.20 -33.07 -10.20
N LEU C 359 6.28 -33.85 -10.30
CA LEU C 359 6.91 -34.13 -11.61
C LEU C 359 5.98 -34.93 -12.48
N GLY C 360 5.89 -34.55 -13.73
CA GLY C 360 4.85 -35.10 -14.59
C GLY C 360 5.13 -36.42 -15.26
N VAL C 361 6.11 -37.18 -14.79
CA VAL C 361 6.41 -38.50 -15.37
C VAL C 361 5.98 -39.63 -14.46
N VAL C 362 5.73 -40.79 -15.07
CA VAL C 362 5.48 -41.99 -14.32
C VAL C 362 6.49 -43.10 -14.64
N ASP C 363 6.78 -43.91 -13.62
CA ASP C 363 7.54 -45.14 -13.77
C ASP C 363 6.75 -46.21 -14.55
N GLY C 364 7.31 -46.68 -15.67
CA GLY C 364 6.62 -47.63 -16.55
C GLY C 364 7.02 -49.09 -16.41
N GLY C 365 7.71 -49.44 -15.33
CA GLY C 365 8.26 -50.80 -15.13
C GLY C 365 9.34 -51.24 -16.12
N SER C 366 9.91 -52.41 -15.86
CA SER C 366 11.02 -52.94 -16.67
C SER C 366 10.55 -53.95 -17.70
N ASN C 367 11.44 -54.28 -18.64
CA ASN C 367 11.10 -55.15 -19.80
C ASN C 367 9.79 -54.74 -20.51
N LEU C 368 9.68 -53.44 -20.81
CA LEU C 368 8.56 -52.87 -21.60
C LEU C 368 9.06 -52.51 -23.00
N ARG C 369 8.18 -52.57 -24.00
CA ARG C 369 8.64 -52.51 -25.38
C ARG C 369 9.37 -51.19 -25.67
N THR C 370 8.89 -50.11 -25.07
CA THR C 370 9.36 -48.80 -25.41
C THR C 370 9.88 -48.03 -24.17
N SER C 371 11.15 -47.61 -24.24
CA SER C 371 11.89 -47.05 -23.12
C SER C 371 11.31 -45.72 -22.64
N ILE C 372 11.19 -44.76 -23.58
CA ILE C 372 10.53 -43.50 -23.29
C ILE C 372 9.30 -43.33 -24.16
N VAL C 373 8.17 -42.98 -23.54
CA VAL C 373 6.94 -42.63 -24.29
C VAL C 373 6.55 -41.21 -23.88
N ILE C 374 6.65 -40.26 -24.79
CA ILE C 374 6.30 -38.88 -24.46
C ILE C 374 4.79 -38.76 -24.43
N GLY C 375 4.28 -38.29 -23.29
CA GLY C 375 2.85 -38.38 -22.97
C GLY C 375 2.13 -37.08 -23.15
N GLY C 376 0.82 -37.10 -22.87
CA GLY C 376 -0.10 -36.00 -23.12
C GLY C 376 0.37 -34.68 -22.56
N HIS C 377 0.75 -34.66 -21.28
CA HIS C 377 1.08 -33.37 -20.58
C HIS C 377 2.30 -32.74 -21.18
N GLN C 378 3.26 -33.57 -21.52
CA GLN C 378 4.49 -33.14 -22.16
C GLN C 378 4.25 -32.83 -23.64
N LEU C 379 3.00 -32.81 -24.09
CA LEU C 379 2.68 -32.42 -25.47
C LEU C 379 1.86 -31.11 -25.53
N GLU C 380 1.37 -30.68 -24.36
CA GLU C 380 0.42 -29.56 -24.26
C GLU C 380 1.09 -28.20 -24.47
N ASP C 381 0.29 -27.32 -25.11
CA ASP C 381 0.75 -26.05 -25.68
C ASP C 381 2.00 -26.14 -26.60
N ASN C 382 2.26 -27.29 -27.21
CA ASN C 382 3.36 -27.46 -28.18
C ASN C 382 2.70 -27.76 -29.49
N LEU C 383 3.10 -27.07 -30.57
CA LEU C 383 2.72 -27.53 -31.91
C LEU C 383 3.71 -28.57 -32.35
N VAL C 384 3.24 -29.77 -32.56
CA VAL C 384 4.08 -30.89 -33.00
C VAL C 384 3.54 -31.41 -34.33
N GLN C 385 4.33 -31.25 -35.39
CA GLN C 385 3.90 -31.53 -36.76
C GLN C 385 4.51 -32.85 -37.25
N PHE C 386 3.66 -33.71 -37.82
CA PHE C 386 4.10 -34.96 -38.33
C PHE C 386 4.05 -34.94 -39.84
N ASP C 387 5.24 -34.98 -40.45
CA ASP C 387 5.42 -35.03 -41.89
C ASP C 387 5.61 -36.47 -42.38
N LEU C 388 4.55 -37.07 -42.91
CA LEU C 388 4.52 -38.48 -43.31
C LEU C 388 5.23 -38.73 -44.62
N ALA C 389 5.26 -37.74 -45.49
CA ALA C 389 6.03 -37.82 -46.72
C ALA C 389 7.51 -37.64 -46.44
N THR C 390 7.88 -36.46 -45.95
CA THR C 390 9.28 -36.15 -45.67
C THR C 390 9.95 -37.14 -44.69
N SER C 391 9.17 -37.76 -43.80
CA SER C 391 9.64 -38.63 -42.69
C SER C 391 10.38 -37.86 -41.57
N ARG C 392 9.64 -36.97 -40.87
CA ARG C 392 10.25 -36.18 -39.79
C ARG C 392 9.24 -35.50 -38.88
N VAL C 393 9.64 -35.19 -37.66
CA VAL C 393 8.80 -34.49 -36.71
C VAL C 393 9.33 -33.08 -36.54
N GLY C 394 8.42 -32.12 -36.58
CA GLY C 394 8.71 -30.72 -36.27
C GLY C 394 8.00 -30.30 -34.99
N PHE C 395 8.71 -29.60 -34.11
CA PHE C 395 8.07 -29.09 -32.91
C PHE C 395 8.43 -27.62 -32.69
N SER C 396 7.63 -27.00 -31.84
CA SER C 396 7.65 -25.57 -31.59
C SER C 396 8.20 -25.18 -30.25
N GLY C 397 8.22 -26.10 -29.30
CA GLY C 397 8.48 -25.76 -27.89
C GLY C 397 7.18 -25.28 -27.29
N THR C 398 7.19 -24.94 -26.01
CA THR C 398 5.97 -24.39 -25.42
C THR C 398 5.59 -23.10 -26.17
N LEU C 399 4.34 -22.95 -26.51
CA LEU C 399 3.85 -21.77 -27.20
C LEU C 399 3.63 -20.61 -26.20
N LEU C 400 3.67 -20.91 -24.91
CA LEU C 400 3.59 -19.87 -23.90
C LEU C 400 4.83 -18.99 -24.07
N GLY C 401 5.88 -19.56 -24.61
CA GLY C 401 7.04 -18.77 -24.93
C GLY C 401 6.76 -17.60 -25.85
N SER C 402 6.06 -17.89 -26.95
CA SER C 402 5.72 -16.84 -27.91
C SER C 402 4.52 -16.07 -27.43
N ARG C 403 4.03 -16.43 -26.26
CA ARG C 403 2.98 -15.71 -25.60
C ARG C 403 1.62 -15.97 -26.25
N THR C 404 1.41 -17.25 -26.56
CA THR C 404 0.09 -17.77 -26.98
C THR C 404 -0.14 -19.21 -26.41
N THR C 405 -1.29 -19.79 -26.68
CA THR C 405 -1.57 -21.13 -26.22
C THR C 405 -2.14 -21.97 -27.38
N CYS C 406 -2.16 -23.28 -27.20
CA CYS C 406 -2.82 -24.15 -28.18
C CYS C 406 -4.30 -23.81 -28.37
N ALA C 407 -4.90 -23.14 -27.40
CA ALA C 407 -6.31 -22.79 -27.46
C ALA C 407 -6.56 -21.39 -28.05
N ASN C 408 -5.67 -20.87 -28.86
CA ASN C 408 -5.83 -19.54 -29.39
C ASN C 408 -6.01 -19.61 -30.87
N PHE C 409 -6.42 -20.76 -31.38
CA PHE C 409 -6.82 -20.83 -32.78
C PHE C 409 -8.21 -20.21 -32.91
N ASN C 410 -8.42 -19.46 -34.01
CA ASN C 410 -9.70 -18.78 -34.20
C ASN C 410 -10.73 -19.79 -34.71
N PHE C 411 -11.10 -20.75 -33.84
CA PHE C 411 -12.03 -21.86 -34.19
C PHE C 411 -13.50 -21.49 -33.95
N THR C 412 -14.39 -21.94 -34.82
CA THR C 412 -15.78 -21.54 -34.72
C THR C 412 -16.77 -22.58 -35.25
N SER D 5 -14.16 4.11 -22.95
CA SER D 5 -13.88 4.12 -21.49
C SER D 5 -13.39 2.77 -20.91
N ASP D 6 -13.88 1.64 -21.42
CA ASP D 6 -13.48 0.30 -20.90
C ASP D 6 -13.74 -0.86 -21.87
N PHE D 7 -12.89 -1.87 -21.78
CA PHE D 7 -13.05 -3.07 -22.59
C PHE D 7 -12.61 -4.32 -21.81
N CYS D 8 -13.32 -5.44 -21.99
CA CYS D 8 -12.96 -6.69 -21.29
C CYS D 8 -12.78 -7.93 -22.17
N GLY D 9 -12.75 -7.77 -23.49
CA GLY D 9 -12.62 -8.91 -24.43
C GLY D 9 -11.16 -9.38 -24.60
N GLN D 10 -10.99 -10.65 -24.89
CA GLN D 10 -9.67 -11.24 -25.02
C GLN D 10 -8.77 -10.47 -25.96
N TRP D 11 -9.32 -9.97 -27.06
CA TRP D 11 -8.52 -9.24 -28.05
C TRP D 11 -8.88 -7.79 -28.22
N ASP D 12 -9.53 -7.20 -27.23
CA ASP D 12 -9.96 -5.83 -27.35
C ASP D 12 -8.73 -4.90 -27.23
N THR D 13 -8.79 -3.81 -27.99
CA THR D 13 -7.68 -2.86 -27.98
C THR D 13 -8.17 -1.42 -27.92
N ALA D 14 -7.26 -0.48 -27.76
CA ALA D 14 -7.63 0.92 -27.79
C ALA D 14 -6.40 1.70 -28.19
N THR D 15 -6.59 2.60 -29.15
CA THR D 15 -5.54 3.41 -29.66
C THR D 15 -5.67 4.70 -28.90
N ALA D 16 -4.63 5.09 -28.18
CA ALA D 16 -4.57 6.40 -27.50
C ALA D 16 -3.24 6.96 -27.78
N GLY D 17 -3.19 8.09 -28.50
CA GLY D 17 -1.91 8.78 -28.79
C GLY D 17 -0.85 7.89 -29.43
N ASP D 18 0.39 7.99 -28.96
CA ASP D 18 1.48 7.19 -29.58
C ASP D 18 1.40 5.68 -29.29
N PHE D 19 0.27 5.23 -28.75
CA PHE D 19 0.19 3.90 -28.19
C PHE D 19 -1.03 3.15 -28.68
N THR D 20 -0.96 1.83 -28.61
CA THR D 20 -2.15 0.98 -28.67
C THR D 20 -2.23 0.32 -27.29
N LEU D 21 -3.41 0.31 -26.69
CA LEU D 21 -3.53 -0.29 -25.41
C LEU D 21 -4.17 -1.68 -25.56
N TYR D 22 -3.43 -2.72 -25.19
CA TYR D 22 -3.83 -4.09 -25.47
C TYR D 22 -4.35 -4.82 -24.24
N ASN D 23 -5.52 -5.46 -24.36
CA ASN D 23 -6.07 -6.20 -23.22
C ASN D 23 -5.36 -7.54 -23.13
N ASP D 24 -5.32 -8.27 -24.25
CA ASP D 24 -4.43 -9.42 -24.50
C ASP D 24 -4.49 -10.57 -23.50
N LEU D 25 -5.66 -11.20 -23.37
CA LEU D 25 -5.85 -12.23 -22.32
C LEU D 25 -5.43 -13.58 -22.86
N TRP D 26 -4.19 -13.65 -23.32
CA TRP D 26 -3.80 -14.76 -24.14
C TRP D 26 -3.94 -16.06 -23.42
N GLY D 27 -3.59 -16.09 -22.16
CA GLY D 27 -3.69 -17.29 -21.34
C GLY D 27 -4.95 -17.46 -20.49
N GLU D 28 -6.06 -16.83 -20.89
CA GLU D 28 -7.33 -16.97 -20.17
C GLU D 28 -7.84 -18.41 -20.15
N SER D 29 -7.43 -19.22 -21.12
CA SER D 29 -7.83 -20.61 -21.16
C SER D 29 -7.01 -21.44 -20.20
N ALA D 30 -6.57 -20.83 -19.12
CA ALA D 30 -5.85 -21.53 -18.11
C ALA D 30 -6.46 -21.32 -16.72
N GLY D 31 -7.55 -20.54 -16.63
CA GLY D 31 -8.11 -20.14 -15.34
C GLY D 31 -9.52 -19.59 -15.43
N THR D 32 -10.22 -19.60 -14.29
CA THR D 32 -11.46 -18.83 -14.09
C THR D 32 -11.10 -17.38 -13.74
N GLY D 33 -11.83 -16.44 -14.34
CA GLY D 33 -11.61 -15.01 -14.06
C GLY D 33 -12.07 -13.99 -15.09
N SER D 34 -11.69 -12.74 -14.86
CA SER D 34 -12.06 -11.66 -15.76
C SER D 34 -11.04 -10.56 -15.66
N GLN D 35 -11.04 -9.67 -16.65
CA GLN D 35 -10.06 -8.57 -16.70
C GLN D 35 -10.49 -7.46 -17.62
N CYS D 36 -10.61 -6.27 -17.06
CA CYS D 36 -11.03 -5.11 -17.80
C CYS D 36 -9.99 -4.00 -17.83
N THR D 37 -9.88 -3.32 -18.98
CA THR D 37 -8.87 -2.29 -19.18
C THR D 37 -9.39 -1.05 -19.85
N GLY D 38 -8.80 0.08 -19.48
CA GLY D 38 -9.15 1.36 -20.11
C GLY D 38 -8.17 2.51 -19.96
N VAL D 39 -8.34 3.48 -20.85
CA VAL D 39 -7.53 4.67 -20.89
C VAL D 39 -8.10 5.68 -19.88
N ASP D 40 -7.22 6.22 -19.04
CA ASP D 40 -7.59 7.19 -18.05
C ASP D 40 -7.24 8.58 -18.63
N SER D 41 -6.06 8.69 -19.26
CA SER D 41 -5.70 9.92 -19.95
C SER D 41 -4.62 9.66 -20.98
N TYR D 42 -4.61 10.48 -22.02
CA TYR D 42 -3.59 10.31 -23.04
C TYR D 42 -3.22 11.63 -23.64
N SER D 43 -1.95 11.78 -23.98
CA SER D 43 -1.52 12.85 -24.90
C SER D 43 -0.11 12.54 -25.41
N GLY D 44 0.01 12.38 -26.72
CA GLY D 44 1.27 12.23 -27.40
C GLY D 44 1.99 11.00 -26.92
N ASP D 45 3.20 11.20 -26.37
CA ASP D 45 3.99 10.09 -25.87
C ASP D 45 3.76 9.81 -24.40
N THR D 46 2.82 10.51 -23.76
CA THR D 46 2.42 10.15 -22.37
C THR D 46 1.02 9.56 -22.36
N ILE D 47 0.76 8.65 -21.43
CA ILE D 47 -0.52 7.93 -21.30
C ILE D 47 -0.77 7.52 -19.84
N ALA D 48 -2.04 7.35 -19.48
CA ALA D 48 -2.42 6.83 -18.16
C ALA D 48 -3.56 5.83 -18.39
N TRP D 49 -3.50 4.69 -17.73
CA TRP D 49 -4.52 3.69 -17.88
C TRP D 49 -4.69 2.80 -16.65
N HIS D 50 -5.61 1.84 -16.74
CA HIS D 50 -5.82 0.88 -15.68
C HIS D 50 -6.32 -0.48 -16.15
N THR D 51 -6.00 -1.51 -15.38
CA THR D 51 -6.53 -2.84 -15.66
C THR D 51 -6.97 -3.45 -14.33
N SER D 52 -8.26 -3.72 -14.21
CA SER D 52 -8.78 -4.38 -13.03
C SER D 52 -8.93 -5.87 -13.36
N TRP D 53 -8.56 -6.74 -12.44
CA TRP D 53 -8.67 -8.15 -12.77
C TRP D 53 -8.67 -9.00 -11.54
N SER D 54 -9.26 -10.18 -11.70
CA SER D 54 -9.20 -11.23 -10.72
C SER D 54 -9.00 -12.50 -11.55
N TRP D 55 -7.88 -13.19 -11.37
CA TRP D 55 -7.64 -14.52 -12.00
C TRP D 55 -7.38 -15.59 -11.01
N SER D 56 -8.00 -16.73 -11.27
CA SER D 56 -7.90 -17.88 -10.40
C SER D 56 -7.54 -19.07 -11.26
N GLY D 57 -6.87 -20.06 -10.67
CA GLY D 57 -6.49 -21.26 -11.41
C GLY D 57 -5.16 -21.06 -12.11
N GLY D 58 -4.56 -22.16 -12.58
CA GLY D 58 -3.28 -22.13 -13.28
C GLY D 58 -2.26 -21.21 -12.64
N SER D 59 -1.70 -21.62 -11.52
CA SER D 59 -0.74 -20.78 -10.84
C SER D 59 0.55 -20.59 -11.65
N SER D 60 0.81 -21.49 -12.59
CA SER D 60 2.05 -21.48 -13.38
C SER D 60 1.93 -20.72 -14.70
N SER D 61 0.71 -20.53 -15.14
CA SER D 61 0.41 -20.03 -16.46
C SER D 61 -0.04 -18.60 -16.37
N VAL D 62 0.68 -17.71 -17.07
CA VAL D 62 0.33 -16.29 -17.28
C VAL D 62 -0.98 -16.14 -17.98
N LYS D 63 -1.91 -15.37 -17.44
CA LYS D 63 -3.28 -15.25 -18.05
C LYS D 63 -3.40 -14.15 -19.12
N SER D 64 -2.50 -13.16 -19.07
CA SER D 64 -2.64 -11.97 -19.86
C SER D 64 -1.37 -11.10 -19.87
N TYR D 65 -1.28 -10.24 -20.86
CA TYR D 65 -0.28 -9.20 -20.86
C TYR D 65 -0.91 -7.93 -21.28
N VAL D 66 -1.61 -7.27 -20.36
CA VAL D 66 -2.26 -6.01 -20.68
C VAL D 66 -1.11 -5.04 -20.73
N ASN D 67 -0.98 -4.30 -21.83
CA ASN D 67 0.20 -3.50 -22.14
C ASN D 67 -0.05 -2.32 -23.09
N ALA D 68 0.70 -1.24 -22.88
CA ALA D 68 0.65 -0.09 -23.75
C ALA D 68 1.84 -0.23 -24.69
N ALA D 69 1.56 -0.34 -25.99
CA ALA D 69 2.63 -0.50 -26.97
C ALA D 69 2.84 0.78 -27.77
N LEU D 70 4.08 1.22 -27.78
CA LEU D 70 4.49 2.32 -28.59
C LEU D 70 4.47 1.99 -30.10
N THR D 71 4.08 2.98 -30.89
CA THR D 71 3.91 2.83 -32.32
C THR D 71 5.04 3.57 -32.98
N PHE D 72 6.04 2.81 -33.43
CA PHE D 72 7.22 3.39 -34.04
C PHE D 72 7.79 2.52 -35.17
N THR D 73 8.84 3.01 -35.79
CA THR D 73 9.50 2.30 -36.87
C THR D 73 10.69 1.52 -36.29
N PRO D 74 10.71 0.19 -36.55
CA PRO D 74 11.89 -0.56 -36.13
C PRO D 74 13.16 0.23 -36.41
N THR D 75 14.05 0.31 -35.44
CA THR D 75 15.24 1.16 -35.55
C THR D 75 16.43 0.33 -35.10
N GLN D 76 17.58 0.55 -35.68
CA GLN D 76 18.78 -0.15 -35.28
C GLN D 76 19.32 0.51 -34.02
N LEU D 77 20.05 -0.26 -33.22
CA LEU D 77 20.47 0.27 -31.92
C LEU D 77 21.53 1.37 -32.06
N ASN D 78 22.45 1.21 -33.01
CA ASN D 78 23.52 2.18 -33.18
C ASN D 78 23.03 3.54 -33.68
N CYS D 79 21.73 3.65 -34.01
CA CYS D 79 21.09 4.90 -34.42
C CYS D 79 20.30 5.60 -33.30
N ILE D 80 20.22 4.98 -32.12
CA ILE D 80 19.45 5.51 -30.99
C ILE D 80 20.37 6.23 -30.01
N SER D 81 20.07 7.50 -29.72
CA SER D 81 20.81 8.25 -28.69
C SER D 81 20.27 7.92 -27.30
N SER D 82 18.95 7.87 -27.20
CA SER D 82 18.28 7.66 -25.93
C SER D 82 16.84 7.23 -26.16
N ILE D 83 16.29 6.50 -25.19
CA ILE D 83 14.85 6.23 -25.14
C ILE D 83 14.32 6.66 -23.77
N PRO D 84 14.10 7.97 -23.59
CA PRO D 84 13.62 8.44 -22.28
C PRO D 84 12.20 7.93 -21.92
N THR D 85 12.08 7.29 -20.75
CA THR D 85 10.81 6.75 -20.24
C THR D 85 10.51 7.22 -18.80
N THR D 86 9.23 7.41 -18.52
CA THR D 86 8.74 7.69 -17.16
C THR D 86 7.62 6.73 -16.80
N TRP D 87 7.61 6.23 -15.56
CA TRP D 87 6.56 5.31 -15.12
C TRP D 87 6.23 5.35 -13.64
N LYS D 88 5.04 5.86 -13.34
CA LYS D 88 4.49 5.81 -12.00
C LYS D 88 3.22 4.92 -12.03
N TRP D 89 3.17 3.99 -11.10
CA TRP D 89 2.06 3.04 -11.04
C TRP D 89 1.84 2.60 -9.65
N SER D 90 0.60 2.18 -9.39
CA SER D 90 0.21 1.57 -8.12
C SER D 90 -0.60 0.29 -8.38
N TYR D 91 -0.37 -0.73 -7.55
CA TYR D 91 -1.13 -1.98 -7.61
C TYR D 91 -1.86 -2.21 -6.29
N SER D 92 -3.19 -2.11 -6.29
CA SER D 92 -4.00 -2.57 -5.16
C SER D 92 -4.50 -3.99 -5.41
N GLY D 93 -5.07 -4.59 -4.37
CA GLY D 93 -5.65 -5.94 -4.45
C GLY D 93 -5.01 -6.88 -3.45
N SER D 94 -5.27 -8.19 -3.60
CA SER D 94 -4.77 -9.22 -2.66
C SER D 94 -4.29 -10.52 -3.33
N SER D 95 -3.22 -11.10 -2.75
CA SER D 95 -2.57 -12.30 -3.26
C SER D 95 -2.15 -12.11 -4.70
N ILE D 96 -1.65 -10.93 -5.01
CA ILE D 96 -1.30 -10.59 -6.38
C ILE D 96 0.00 -11.30 -6.78
N VAL D 97 -0.08 -12.19 -7.77
CA VAL D 97 1.11 -12.80 -8.39
C VAL D 97 1.22 -12.25 -9.80
N ALA D 98 2.17 -11.35 -10.01
CA ALA D 98 2.22 -10.55 -11.22
C ALA D 98 3.48 -9.74 -11.25
N ASP D 99 3.86 -9.32 -12.46
CA ASP D 99 4.99 -8.45 -12.65
C ASP D 99 4.54 -7.23 -13.41
N VAL D 100 5.42 -6.22 -13.39
CA VAL D 100 5.20 -4.96 -14.10
C VAL D 100 6.49 -4.70 -14.83
N ALA D 101 6.40 -4.65 -16.15
CA ALA D 101 7.60 -4.71 -16.95
C ALA D 101 7.51 -3.95 -18.21
N TYR D 102 8.65 -3.38 -18.59
CA TYR D 102 8.94 -3.06 -19.98
C TYR D 102 9.25 -4.38 -20.73
N ASP D 103 8.87 -4.46 -21.99
CA ASP D 103 9.23 -5.63 -22.81
C ASP D 103 9.70 -5.18 -24.21
N THR D 104 10.76 -5.78 -24.70
CA THR D 104 11.33 -5.31 -25.96
C THR D 104 12.04 -6.41 -26.72
N PHE D 105 11.97 -6.32 -28.03
CA PHE D 105 12.50 -7.38 -28.88
C PHE D 105 13.49 -6.82 -29.88
N LEU D 106 14.45 -7.65 -30.22
CA LEU D 106 15.49 -7.30 -31.15
C LEU D 106 15.54 -8.40 -32.21
N ALA D 107 15.39 -8.00 -33.50
CA ALA D 107 15.56 -8.90 -34.69
C ALA D 107 16.75 -8.51 -35.58
N GLU D 108 17.34 -9.49 -36.28
CA GLU D 108 18.54 -9.32 -37.12
C GLU D 108 18.26 -8.39 -38.32
N THR D 109 16.96 -8.31 -38.64
CA THR D 109 16.39 -7.51 -39.72
C THR D 109 15.29 -6.64 -39.12
N ALA D 110 14.76 -5.70 -39.90
CA ALA D 110 13.62 -4.86 -39.44
C ALA D 110 12.34 -5.67 -39.30
N SER D 111 12.10 -6.54 -40.27
CA SER D 111 10.93 -7.41 -40.21
C SER D 111 11.21 -8.76 -39.54
N GLY D 112 12.46 -9.22 -39.65
CA GLY D 112 12.91 -10.52 -39.14
C GLY D 112 12.28 -10.90 -37.82
N SER D 113 12.28 -12.19 -37.52
CA SER D 113 11.70 -12.63 -36.26
C SER D 113 12.73 -12.45 -35.10
N SER D 114 12.27 -12.55 -33.85
CA SER D 114 13.03 -12.04 -32.71
C SER D 114 14.28 -12.85 -32.34
N LYS D 115 15.33 -12.12 -31.99
CA LYS D 115 16.62 -12.70 -31.69
C LYS D 115 16.90 -12.56 -30.19
N TYR D 116 16.53 -11.41 -29.63
CA TYR D 116 16.58 -11.20 -28.19
C TYR D 116 15.24 -10.67 -27.66
N GLU D 117 14.87 -11.02 -26.43
CA GLU D 117 13.76 -10.35 -25.75
C GLU D 117 14.31 -9.75 -24.49
N ILE D 118 14.39 -8.42 -24.47
CA ILE D 118 14.90 -7.68 -23.31
C ILE D 118 13.77 -7.06 -22.47
N MET D 119 13.68 -7.48 -21.19
CA MET D 119 12.67 -6.99 -20.23
C MET D 119 13.23 -6.08 -19.14
N VAL D 120 12.37 -5.22 -18.57
CA VAL D 120 12.78 -4.44 -17.42
C VAL D 120 11.62 -4.43 -16.41
N TRP D 121 11.84 -5.14 -15.31
CA TRP D 121 10.79 -5.41 -14.35
C TRP D 121 10.89 -4.42 -13.21
N LEU D 122 9.93 -3.52 -13.13
CA LEU D 122 9.86 -2.59 -12.02
C LEU D 122 9.28 -3.24 -10.74
N ALA D 123 8.72 -4.45 -10.90
CA ALA D 123 8.07 -5.16 -9.81
C ALA D 123 7.91 -6.63 -10.11
N ALA D 124 8.29 -7.49 -9.17
CA ALA D 124 8.00 -8.93 -9.23
C ALA D 124 7.18 -9.38 -8.03
N LEU D 125 5.86 -9.22 -8.12
CA LEU D 125 4.99 -9.41 -6.97
C LEU D 125 4.55 -10.87 -6.84
N GLY D 126 4.41 -11.32 -5.59
CA GLY D 126 3.72 -12.56 -5.24
C GLY D 126 4.30 -13.90 -5.64
N GLY D 127 5.56 -13.94 -6.08
CA GLY D 127 6.11 -15.18 -6.61
C GLY D 127 6.59 -15.04 -8.04
N ALA D 128 6.11 -14.01 -8.75
CA ALA D 128 6.45 -13.86 -10.17
C ALA D 128 7.96 -13.73 -10.36
N GLY D 129 8.49 -14.46 -11.33
CA GLY D 129 9.89 -14.32 -11.74
C GLY D 129 10.16 -14.48 -13.23
N PRO D 130 11.34 -14.05 -13.68
CA PRO D 130 11.73 -14.07 -15.07
C PRO D 130 12.14 -15.47 -15.53
N ILE D 131 12.25 -15.62 -16.83
CA ILE D 131 12.87 -16.74 -17.45
C ILE D 131 14.36 -16.83 -17.09
N SER D 132 14.77 -18.04 -16.69
CA SER D 132 16.15 -18.29 -16.23
C SER D 132 16.42 -19.81 -16.12
N SER D 133 17.37 -20.29 -16.91
CA SER D 133 17.80 -21.68 -16.79
C SER D 133 18.48 -21.99 -15.45
N THR D 134 19.50 -21.20 -15.06
CA THR D 134 20.28 -21.49 -13.83
C THR D 134 19.57 -21.08 -12.52
N GLY D 135 18.75 -20.04 -12.62
CA GLY D 135 17.99 -19.58 -11.46
C GLY D 135 18.71 -18.47 -10.72
N SER D 136 19.92 -18.15 -11.17
CA SER D 136 20.72 -17.14 -10.50
C SER D 136 20.99 -15.94 -11.44
N THR D 137 21.31 -14.79 -10.86
CA THR D 137 21.64 -13.63 -11.67
C THR D 137 22.97 -13.84 -12.38
N ILE D 138 23.02 -13.35 -13.63
CA ILE D 138 24.28 -13.25 -14.36
C ILE D 138 24.93 -11.86 -14.20
N ALA D 139 24.34 -11.00 -13.38
CA ALA D 139 24.88 -9.68 -13.17
C ALA D 139 23.98 -8.86 -12.23
N THR D 140 24.61 -7.96 -11.46
CA THR D 140 23.95 -7.14 -10.44
C THR D 140 24.16 -5.64 -10.75
N PRO D 141 23.92 -5.21 -11.99
CA PRO D 141 24.41 -3.90 -12.36
C PRO D 141 23.49 -2.81 -11.84
N THR D 142 24.03 -1.61 -11.75
CA THR D 142 23.28 -0.40 -11.40
C THR D 142 23.11 0.44 -12.67
N ILE D 143 21.86 0.60 -13.12
CA ILE D 143 21.56 1.34 -14.35
C ILE D 143 20.35 2.25 -14.17
N ALA D 144 20.53 3.55 -14.44
CA ALA D 144 19.43 4.51 -14.38
C ALA D 144 18.93 4.70 -12.94
N GLY D 145 19.88 4.86 -12.02
CA GLY D 145 19.53 5.16 -10.65
C GLY D 145 18.85 4.04 -9.88
N VAL D 146 18.82 2.85 -10.45
CA VAL D 146 18.19 1.68 -9.81
C VAL D 146 19.16 0.49 -9.78
N ASN D 147 19.14 -0.23 -8.66
CA ASN D 147 19.88 -1.47 -8.54
C ASN D 147 19.09 -2.64 -9.13
N TRP D 148 19.69 -3.38 -10.07
CA TRP D 148 18.98 -4.43 -10.83
C TRP D 148 19.52 -5.82 -10.64
N LYS D 149 18.73 -6.80 -10.99
CA LYS D 149 19.17 -8.18 -11.08
C LYS D 149 18.89 -8.66 -12.49
N LEU D 150 19.91 -9.12 -13.20
CA LEU D 150 19.75 -9.50 -14.59
C LEU D 150 19.87 -11.00 -14.62
N TYR D 151 18.92 -11.64 -15.28
CA TYR D 151 18.92 -13.05 -15.50
C TYR D 151 18.93 -13.29 -17.01
N SER D 152 19.05 -14.58 -17.36
CA SER D 152 18.94 -15.06 -18.74
C SER D 152 18.43 -16.49 -18.88
N GLY D 153 17.64 -16.68 -19.92
CA GLY D 153 17.18 -17.99 -20.31
C GLY D 153 16.81 -18.00 -21.77
N PRO D 154 16.70 -19.19 -22.34
CA PRO D 154 16.33 -19.28 -23.74
C PRO D 154 14.84 -19.39 -23.88
N ASN D 155 14.33 -18.69 -24.87
CA ASN D 155 13.00 -18.97 -25.35
C ASN D 155 13.04 -19.32 -26.80
N GLY D 156 12.99 -20.61 -27.08
CA GLY D 156 13.29 -21.14 -28.39
C GLY D 156 14.65 -20.61 -28.85
N ASP D 157 14.61 -19.78 -29.90
CA ASP D 157 15.83 -19.23 -30.46
C ASP D 157 15.93 -17.72 -30.21
N THR D 158 15.21 -17.22 -29.23
CA THR D 158 15.45 -15.90 -28.71
C THR D 158 16.08 -16.04 -27.32
N THR D 159 17.14 -15.27 -27.05
CA THR D 159 17.67 -15.18 -25.67
C THR D 159 16.90 -14.09 -24.90
N VAL D 160 16.31 -14.47 -23.78
CA VAL D 160 15.48 -13.57 -23.01
C VAL D 160 16.29 -13.07 -21.81
N TYR D 161 16.60 -11.78 -21.84
CA TYR D 161 17.39 -11.07 -20.82
C TYR D 161 16.50 -10.14 -19.94
N SER D 162 16.54 -10.35 -18.63
CA SER D 162 15.59 -9.63 -17.80
C SER D 162 16.24 -8.94 -16.58
N PHE D 163 16.09 -7.63 -16.52
CA PHE D 163 16.54 -6.82 -15.43
C PHE D 163 15.41 -6.68 -14.44
N VAL D 164 15.45 -7.41 -13.32
CA VAL D 164 14.46 -7.25 -12.25
C VAL D 164 14.97 -6.28 -11.24
N ALA D 165 14.12 -5.38 -10.79
CA ALA D 165 14.52 -4.43 -9.74
C ALA D 165 14.67 -5.13 -8.38
N ASP D 166 15.70 -4.71 -7.63
CA ASP D 166 16.02 -5.28 -6.32
C ASP D 166 14.89 -5.11 -5.31
N SER D 167 14.01 -4.14 -5.59
CA SER D 167 12.85 -3.77 -4.76
C SER D 167 11.81 -3.08 -5.63
N THR D 168 10.55 -3.17 -5.21
CA THR D 168 9.43 -2.65 -6.00
C THR D 168 9.57 -1.13 -6.28
N THR D 169 9.73 -0.81 -7.56
CA THR D 169 9.83 0.57 -8.03
C THR D 169 8.49 1.04 -8.60
N GLU D 170 7.77 1.87 -7.83
CA GLU D 170 6.50 2.45 -8.28
C GLU D 170 6.70 3.75 -9.04
N SER D 171 7.91 4.27 -9.01
CA SER D 171 8.28 5.48 -9.75
C SER D 171 9.68 5.34 -10.35
N PHE D 172 9.77 5.44 -11.67
CA PHE D 172 11.00 5.23 -12.37
C PHE D 172 11.14 6.13 -13.62
N SER D 173 12.36 6.56 -13.86
CA SER D 173 12.59 7.67 -14.76
C SER D 173 14.01 7.57 -15.29
N GLY D 174 14.17 7.35 -16.60
CA GLY D 174 15.50 7.40 -17.19
C GLY D 174 15.55 7.08 -18.67
N ASP D 175 16.70 6.58 -19.09
CA ASP D 175 16.95 6.26 -20.47
C ASP D 175 16.92 4.77 -20.63
N LEU D 176 15.87 4.23 -21.26
CA LEU D 176 15.79 2.77 -21.39
C LEU D 176 16.90 2.24 -22.28
N ASN D 177 17.55 3.13 -23.05
CA ASN D 177 18.62 2.74 -23.96
C ASN D 177 19.87 2.28 -23.21
N ASP D 178 19.96 2.63 -21.94
CA ASP D 178 21.11 2.21 -21.13
C ASP D 178 21.14 0.71 -20.92
N PHE D 179 19.95 0.12 -20.96
CA PHE D 179 19.79 -1.30 -20.79
C PHE D 179 20.29 -1.97 -22.04
N PHE D 180 19.88 -1.45 -23.19
CA PHE D 180 20.38 -1.98 -24.43
C PHE D 180 21.88 -1.86 -24.53
N THR D 181 22.41 -0.66 -24.29
CA THR D 181 23.85 -0.46 -24.28
C THR D 181 24.56 -1.48 -23.41
N TYR D 182 24.04 -1.71 -22.21
CA TYR D 182 24.65 -2.62 -21.23
C TYR D 182 24.83 -4.03 -21.79
N LEU D 183 23.80 -4.55 -22.44
CA LEU D 183 23.87 -5.91 -23.00
C LEU D 183 24.82 -5.95 -24.21
N VAL D 184 24.82 -4.91 -25.03
CA VAL D 184 25.70 -4.85 -26.18
C VAL D 184 27.15 -4.87 -25.70
N ASP D 185 27.45 -4.13 -24.64
CA ASP D 185 28.78 -4.09 -24.06
C ASP D 185 29.12 -5.39 -23.30
N ASN D 186 28.25 -5.80 -22.39
CA ASN D 186 28.56 -6.90 -21.46
C ASN D 186 28.09 -8.31 -21.89
N GLU D 187 27.23 -8.41 -22.90
CA GLU D 187 26.68 -9.74 -23.32
C GLU D 187 26.66 -10.01 -24.83
N GLY D 188 27.44 -9.23 -25.59
CA GLY D 188 27.60 -9.44 -27.04
C GLY D 188 26.31 -9.48 -27.85
N VAL D 189 25.48 -8.45 -27.65
CA VAL D 189 24.29 -8.21 -28.47
C VAL D 189 24.75 -7.21 -29.50
N SER D 190 24.40 -7.45 -30.76
CA SER D 190 24.89 -6.67 -31.90
C SER D 190 24.20 -5.32 -32.04
N ASP D 191 24.92 -4.32 -32.51
CA ASP D 191 24.33 -3.00 -32.81
C ASP D 191 23.45 -3.00 -34.05
N GLU D 192 23.76 -3.89 -35.01
CA GLU D 192 22.97 -4.01 -36.26
C GLU D 192 21.49 -4.29 -35.96
N LEU D 193 21.28 -4.95 -34.82
CA LEU D 193 19.98 -5.42 -34.41
C LEU D 193 18.98 -4.26 -34.38
N TYR D 194 17.75 -4.54 -34.80
CA TYR D 194 16.68 -3.58 -34.74
C TYR D 194 15.89 -3.79 -33.44
N LEU D 195 15.54 -2.68 -32.79
CA LEU D 195 14.49 -2.61 -31.80
C LEU D 195 13.13 -2.55 -32.53
N THR D 196 12.31 -3.57 -32.32
CA THR D 196 11.03 -3.72 -33.05
C THR D 196 9.75 -3.37 -32.24
N THR D 197 9.90 -3.28 -30.92
CA THR D 197 8.74 -3.32 -30.03
C THR D 197 9.01 -2.75 -28.68
N LEU D 198 8.17 -1.83 -28.21
CA LEU D 198 8.28 -1.32 -26.87
C LEU D 198 6.96 -1.36 -26.18
N GLU D 199 6.83 -2.23 -25.22
CA GLU D 199 5.57 -2.41 -24.53
C GLU D 199 5.79 -2.26 -23.02
N ALA D 200 4.73 -1.90 -22.31
CA ALA D 200 4.84 -1.79 -20.89
C ALA D 200 3.52 -2.06 -20.26
N GLY D 201 3.55 -2.97 -19.30
CA GLY D 201 2.37 -3.63 -18.83
C GLY D 201 2.63 -4.60 -17.71
N THR D 202 1.64 -5.45 -17.44
CA THR D 202 1.69 -6.43 -16.35
C THR D 202 1.20 -7.79 -16.78
N GLU D 203 1.90 -8.83 -16.36
CA GLU D 203 1.46 -10.21 -16.59
C GLU D 203 1.09 -10.81 -15.23
N PRO D 204 -0.19 -11.12 -15.00
CA PRO D 204 -0.64 -11.72 -13.76
C PRO D 204 -0.95 -13.21 -13.90
N PHE D 205 -0.87 -13.95 -12.80
CA PHE D 205 -1.25 -15.35 -12.79
C PHE D 205 -2.49 -15.57 -11.91
N THR D 206 -2.38 -15.21 -10.63
CA THR D 206 -3.52 -15.39 -9.70
C THR D 206 -3.65 -14.15 -8.87
N GLY D 207 -4.87 -13.81 -8.46
CA GLY D 207 -5.07 -12.68 -7.56
C GLY D 207 -6.54 -12.33 -7.54
N SER D 208 -6.95 -11.34 -6.74
CA SER D 208 -8.33 -10.92 -6.79
C SER D 208 -8.51 -9.49 -6.39
N ASN D 209 -9.51 -8.86 -7.02
CA ASN D 209 -9.81 -7.44 -6.85
C ASN D 209 -8.54 -6.62 -7.05
N ALA D 210 -7.76 -7.01 -8.04
CA ALA D 210 -6.52 -6.33 -8.36
C ALA D 210 -6.85 -5.12 -9.24
N LYS D 211 -5.98 -4.11 -9.18
CA LYS D 211 -6.01 -3.01 -10.12
C LYS D 211 -4.62 -2.42 -10.23
N LEU D 212 -4.11 -2.46 -11.43
CA LEU D 212 -2.86 -1.80 -11.74
C LEU D 212 -3.30 -0.41 -12.16
N THR D 213 -2.83 0.61 -11.46
CA THR D 213 -3.15 2.00 -11.80
C THR D 213 -1.85 2.70 -12.24
N VAL D 214 -1.72 2.92 -13.54
CA VAL D 214 -0.59 3.64 -14.11
C VAL D 214 -0.99 5.06 -14.24
N SER D 215 -0.39 5.91 -13.40
CA SER D 215 -0.77 7.32 -13.33
C SER D 215 -0.07 8.09 -14.41
N GLU D 216 1.19 7.73 -14.71
CA GLU D 216 1.93 8.40 -15.78
C GLU D 216 2.87 7.37 -16.38
N TYR D 217 2.79 7.25 -17.70
CA TYR D 217 3.75 6.47 -18.47
C TYR D 217 4.03 7.14 -19.78
N SER D 218 5.34 7.27 -20.06
CA SER D 218 5.80 7.96 -21.21
C SER D 218 7.09 7.34 -21.71
N ILE D 219 7.26 7.37 -23.04
CA ILE D 219 8.37 6.72 -23.67
C ILE D 219 8.52 7.24 -25.09
N SER D 220 9.77 7.37 -25.55
CA SER D 220 10.09 7.93 -26.87
C SER D 220 11.46 7.48 -27.38
N ILE D 221 11.58 7.24 -28.68
CA ILE D 221 12.89 7.02 -29.29
C ILE D 221 13.38 8.34 -29.84
N GLU D 222 14.65 8.69 -29.54
CA GLU D 222 15.22 9.97 -29.97
C GLU D 222 16.46 9.70 -30.80
#